data_9W60
#
_entry.id   9W60
#
_cell.length_a   100.398
_cell.length_b   100.398
_cell.length_c   163.832
_cell.angle_alpha   90.00
_cell.angle_beta   90.00
_cell.angle_gamma   90.00
#
_symmetry.space_group_name_H-M   'P 43 21 2'
#
loop_
_entity.id
_entity.type
_entity.pdbx_description
1 polymer 'Butyryl CoA dehydrogenase apo protein'
2 water water
#
_entity_poly.entity_id   1
_entity_poly.type   'polypeptide(L)'
_entity_poly.pdbx_seq_one_letter_code
;MDFTLSKQQQMVQKMYREFAENEVKPLAKKVDAEEYFPKETVEKMGKLGMMGIYFPTSVGGAGGDVLSYVMAVEELSKVC
GTTGVIVSAHTSLCAAPIYENGTPEQKEKYLPKLCSGEWLGAFGLTEPGAGTDAQGQQTTAVEDGDYWVLNGSKIFITNA
GYADVFIVIAVTDKVLDKKGRPTKLCSAFIVERTDPGFSVGKAEDKMGIRGSSTCELIFEDCRIPKDRMLGVRGKGFQLA
MATLDGGRIGIASQALGIAEGALQETVAYVKERKQFGRSISAFQNTQFELAEMKARIEAAKYLVYAAALKKQEAMNGAKV
RYSVEAAQAKLIAARTASDVTRRCLQLFGGYGYTRDYPIERMMRDAKITEIYEGTSEVQMMVISGALLK
;
_entity_poly.pdbx_strand_id   A,B
#
# COMPACT_ATOMS: atom_id res chain seq x y z
N MET A 1 -1.21 40.39 -2.51
CA MET A 1 -0.80 39.37 -1.55
C MET A 1 -1.92 38.94 -0.60
N ASP A 2 -2.90 38.21 -1.14
CA ASP A 2 -4.04 37.71 -0.38
C ASP A 2 -4.06 36.19 -0.48
N PHE A 3 -4.24 35.51 0.66
CA PHE A 3 -4.31 34.06 0.66
C PHE A 3 -5.72 33.53 0.94
N THR A 4 -6.75 34.32 0.64
CA THR A 4 -8.14 33.91 0.79
C THR A 4 -8.75 33.60 -0.57
N LEU A 5 -9.72 32.68 -0.56
CA LEU A 5 -10.33 32.10 -1.79
C LEU A 5 -11.40 32.98 -2.42
N SER A 6 -11.11 34.25 -2.68
CA SER A 6 -12.06 35.19 -3.32
C SER A 6 -13.42 35.11 -2.63
N LYS A 7 -14.47 35.00 -3.44
CA LYS A 7 -15.88 34.92 -2.97
C LYS A 7 -16.58 33.84 -3.79
N GLN A 8 -16.16 33.66 -5.05
CA GLN A 8 -16.61 32.59 -5.94
C GLN A 8 -15.71 31.35 -5.83
N GLN A 9 -14.40 31.54 -5.60
CA GLN A 9 -13.55 30.41 -5.28
C GLN A 9 -13.92 29.85 -3.92
N GLN A 10 -14.48 30.69 -3.04
CA GLN A 10 -14.92 30.23 -1.73
C GLN A 10 -16.21 29.42 -1.81
N MET A 11 -16.83 29.35 -2.98
CA MET A 11 -18.14 28.74 -3.17
C MET A 11 -18.09 27.45 -3.96
N VAL A 12 -17.48 27.45 -5.17
CA VAL A 12 -17.24 26.23 -5.93
C VAL A 12 -16.49 25.21 -5.06
N GLN A 13 -15.82 25.69 -4.00
CA GLN A 13 -15.28 24.77 -3.01
C GLN A 13 -16.38 23.90 -2.42
N LYS A 14 -17.45 24.54 -1.92
CA LYS A 14 -18.53 23.79 -1.29
C LYS A 14 -19.40 23.09 -2.33
N MET A 15 -19.47 23.65 -3.55
CA MET A 15 -20.10 22.93 -4.66
C MET A 15 -19.41 21.60 -4.89
N TYR A 16 -18.09 21.63 -5.05
CA TYR A 16 -17.35 20.40 -5.24
C TYR A 16 -17.17 19.62 -3.94
N ARG A 17 -17.47 20.21 -2.79
CA ARG A 17 -17.34 19.45 -1.55
C ARG A 17 -18.59 18.62 -1.28
N GLU A 18 -19.76 19.29 -1.26
CA GLU A 18 -21.03 18.59 -1.07
C GLU A 18 -21.23 17.50 -2.13
N PHE A 19 -21.02 17.83 -3.41
CA PHE A 19 -21.13 16.85 -4.48
C PHE A 19 -20.24 15.63 -4.23
N ALA A 20 -19.00 15.88 -3.83
CA ALA A 20 -18.09 14.77 -3.61
C ALA A 20 -18.48 13.96 -2.38
N GLU A 21 -19.08 14.61 -1.36
CA GLU A 21 -19.48 13.89 -0.16
C GLU A 21 -20.76 13.06 -0.37
N ASN A 22 -21.69 13.55 -1.20
CA ASN A 22 -22.99 12.90 -1.37
C ASN A 22 -23.02 12.04 -2.63
N GLU A 23 -22.71 12.63 -3.78
CA GLU A 23 -22.70 11.86 -5.02
C GLU A 23 -21.52 10.89 -5.10
N VAL A 24 -20.31 11.30 -4.66
CA VAL A 24 -19.08 10.61 -5.06
C VAL A 24 -18.49 9.69 -3.97
N LYS A 25 -18.83 9.90 -2.70
CA LYS A 25 -18.27 9.04 -1.65
C LYS A 25 -18.87 7.65 -1.69
N PRO A 26 -20.22 7.44 -1.77
CA PRO A 26 -20.79 6.09 -1.71
C PRO A 26 -20.20 5.12 -2.72
N LEU A 27 -19.44 5.61 -3.70
CA LEU A 27 -19.09 4.76 -4.82
C LEU A 27 -17.61 4.46 -4.90
N ALA A 28 -16.78 5.15 -4.12
CA ALA A 28 -15.32 4.98 -4.23
C ALA A 28 -14.89 3.55 -3.88
N LYS A 29 -15.66 2.88 -3.01
CA LYS A 29 -15.32 1.49 -2.63
C LYS A 29 -15.57 0.51 -3.77
N LYS A 30 -16.76 0.54 -4.39
CA LYS A 30 -16.98 -0.31 -5.55
C LYS A 30 -16.06 0.05 -6.70
N VAL A 31 -15.80 1.35 -6.88
CA VAL A 31 -14.92 1.76 -7.97
C VAL A 31 -13.56 1.13 -7.80
N ASP A 32 -13.04 1.14 -6.57
CA ASP A 32 -11.69 0.64 -6.39
C ASP A 32 -11.61 -0.87 -6.22
N ALA A 33 -12.66 -1.50 -5.69
CA ALA A 33 -12.64 -2.93 -5.41
C ALA A 33 -12.99 -3.76 -6.64
N GLU A 34 -13.83 -3.24 -7.54
CA GLU A 34 -14.25 -3.95 -8.74
C GLU A 34 -13.69 -3.36 -10.03
N GLU A 35 -12.67 -2.49 -9.93
CA GLU A 35 -12.12 -1.80 -11.11
C GLU A 35 -13.22 -1.13 -11.91
N TYR A 36 -14.14 -0.49 -11.20
CA TYR A 36 -15.32 0.06 -11.83
C TYR A 36 -15.08 1.52 -12.18
N PHE A 37 -15.19 1.85 -13.46
CA PHE A 37 -15.12 3.22 -13.92
C PHE A 37 -16.38 3.96 -13.54
N PRO A 38 -16.31 5.03 -12.77
CA PRO A 38 -17.53 5.72 -12.33
C PRO A 38 -18.18 6.53 -13.44
N LYS A 39 -18.89 5.86 -14.35
CA LYS A 39 -19.48 6.51 -15.53
C LYS A 39 -20.61 7.44 -15.13
N GLU A 40 -21.43 7.01 -14.16
CA GLU A 40 -22.49 7.87 -13.64
C GLU A 40 -21.91 9.15 -13.08
N THR A 41 -20.89 9.03 -12.23
CA THR A 41 -20.20 10.22 -11.72
C THR A 41 -19.78 11.15 -12.85
N VAL A 42 -19.23 10.58 -13.92
CA VAL A 42 -18.77 11.38 -15.05
C VAL A 42 -19.96 12.07 -15.72
N GLU A 43 -21.10 11.38 -15.82
CA GLU A 43 -22.27 12.02 -16.41
C GLU A 43 -22.80 13.17 -15.54
N LYS A 44 -22.87 12.97 -14.22
CA LYS A 44 -23.30 14.05 -13.33
C LYS A 44 -22.34 15.24 -13.41
N MET A 45 -21.04 14.96 -13.49
CA MET A 45 -20.10 16.05 -13.62
C MET A 45 -20.20 16.73 -14.98
N GLY A 46 -20.52 16.01 -16.04
CA GLY A 46 -20.62 16.66 -17.33
C GLY A 46 -21.69 17.72 -17.34
N LYS A 47 -22.87 17.37 -16.80
CA LYS A 47 -23.99 18.29 -16.69
C LYS A 47 -23.72 19.45 -15.73
N LEU A 48 -22.66 19.36 -14.93
CA LEU A 48 -22.30 20.43 -14.03
C LEU A 48 -21.22 21.34 -14.61
N GLY A 49 -20.77 21.07 -15.83
CA GLY A 49 -19.70 21.85 -16.42
C GLY A 49 -18.33 21.60 -15.82
N MET A 50 -18.18 20.53 -15.01
CA MET A 50 -16.96 20.26 -14.25
C MET A 50 -15.86 19.71 -15.11
N MET A 51 -16.13 19.47 -16.38
CA MET A 51 -15.10 18.95 -17.24
C MET A 51 -14.46 20.04 -18.07
N GLY A 52 -14.85 21.29 -17.83
CA GLY A 52 -14.29 22.35 -18.63
C GLY A 52 -13.92 23.63 -17.93
N ILE A 53 -13.55 23.56 -16.64
CA ILE A 53 -13.78 24.69 -15.73
C ILE A 53 -12.99 25.92 -16.19
N TYR A 54 -11.65 25.81 -16.26
CA TYR A 54 -10.86 27.00 -16.61
C TYR A 54 -10.85 27.32 -18.09
N PHE A 55 -11.71 26.67 -18.88
CA PHE A 55 -11.82 27.00 -20.30
C PHE A 55 -12.94 28.04 -20.54
N PRO A 56 -12.70 29.02 -21.42
CA PRO A 56 -13.66 30.13 -21.58
C PRO A 56 -14.95 29.67 -22.22
N THR A 57 -15.95 30.54 -22.13
CA THR A 57 -17.24 30.19 -22.71
C THR A 57 -17.18 30.09 -24.24
N SER A 58 -16.14 30.64 -24.89
CA SER A 58 -16.08 30.67 -26.35
C SER A 58 -15.79 29.32 -26.97
N VAL A 59 -15.50 28.29 -26.18
CA VAL A 59 -15.14 26.96 -26.66
C VAL A 59 -16.01 25.86 -26.09
N GLY A 60 -16.95 26.19 -25.20
CA GLY A 60 -17.80 25.22 -24.54
C GLY A 60 -17.59 25.07 -23.04
N GLY A 61 -16.73 25.89 -22.43
CA GLY A 61 -16.38 25.75 -21.02
C GLY A 61 -17.34 26.49 -20.11
N ALA A 62 -17.03 26.45 -18.82
CA ALA A 62 -17.86 27.08 -17.78
C ALA A 62 -17.38 28.47 -17.37
N GLY A 63 -16.36 29.01 -18.03
CA GLY A 63 -15.85 30.31 -17.62
C GLY A 63 -15.26 30.33 -16.22
N GLY A 64 -14.47 29.32 -15.85
CA GLY A 64 -13.92 29.23 -14.53
C GLY A 64 -12.45 29.59 -14.50
N ASP A 65 -11.79 29.24 -13.39
CA ASP A 65 -10.37 29.50 -13.25
C ASP A 65 -9.61 28.21 -12.95
N VAL A 66 -8.29 28.27 -13.16
CA VAL A 66 -7.49 27.06 -13.02
C VAL A 66 -7.55 26.56 -11.57
N LEU A 67 -7.61 27.50 -10.62
CA LEU A 67 -7.71 27.17 -9.20
C LEU A 67 -8.98 26.40 -8.89
N SER A 68 -10.13 26.88 -9.37
CA SER A 68 -11.38 26.13 -9.18
C SER A 68 -11.31 24.74 -9.79
N TYR A 69 -10.58 24.58 -10.90
CA TYR A 69 -10.30 23.23 -11.41
C TYR A 69 -9.38 22.47 -10.46
N VAL A 70 -8.38 23.15 -9.95
CA VAL A 70 -7.48 22.51 -9.00
C VAL A 70 -8.25 22.08 -7.77
N MET A 71 -9.19 22.92 -7.35
CA MET A 71 -9.98 22.56 -6.17
C MET A 71 -10.92 21.40 -6.46
N ALA A 72 -11.42 21.32 -7.70
CA ALA A 72 -12.32 20.23 -8.05
C ALA A 72 -11.64 18.89 -7.85
N VAL A 73 -10.41 18.74 -8.38
CA VAL A 73 -9.63 17.52 -8.21
C VAL A 73 -9.36 17.25 -6.73
N GLU A 74 -9.03 18.30 -5.98
CA GLU A 74 -8.73 18.13 -4.56
C GLU A 74 -9.93 17.57 -3.81
N GLU A 75 -11.11 18.16 -3.99
CA GLU A 75 -12.29 17.71 -3.25
C GLU A 75 -12.79 16.36 -3.75
N LEU A 76 -12.61 16.06 -5.04
CA LEU A 76 -12.90 14.72 -5.53
C LEU A 76 -11.91 13.70 -4.99
N SER A 77 -10.61 14.05 -4.96
CA SER A 77 -9.64 13.08 -4.46
C SER A 77 -9.71 12.92 -2.95
N LYS A 78 -10.38 13.82 -2.23
CA LYS A 78 -10.51 13.61 -0.80
C LYS A 78 -11.40 12.42 -0.49
N VAL A 79 -12.25 12.07 -1.46
CA VAL A 79 -13.15 10.92 -1.36
C VAL A 79 -12.78 9.81 -2.33
N CYS A 80 -12.35 10.16 -3.55
CA CYS A 80 -12.08 9.13 -4.55
C CYS A 80 -10.96 9.61 -5.47
N GLY A 81 -9.72 9.17 -5.23
CA GLY A 81 -8.61 9.58 -6.10
C GLY A 81 -8.73 9.06 -7.52
N THR A 82 -9.57 8.02 -7.74
CA THR A 82 -9.89 7.56 -9.08
C THR A 82 -10.69 8.59 -9.87
N THR A 83 -11.76 9.13 -9.26
CA THR A 83 -12.58 10.15 -9.92
C THR A 83 -11.77 11.41 -10.20
N GLY A 84 -10.91 11.82 -9.26
CA GLY A 84 -10.09 12.98 -9.51
C GLY A 84 -9.12 12.79 -10.64
N VAL A 85 -8.66 11.55 -10.85
CA VAL A 85 -7.70 11.31 -11.91
C VAL A 85 -8.38 11.41 -13.27
N ILE A 86 -9.66 11.01 -13.35
CA ILE A 86 -10.42 11.06 -14.61
C ILE A 86 -10.64 12.49 -15.07
N VAL A 87 -10.99 13.36 -14.13
CA VAL A 87 -11.21 14.76 -14.49
C VAL A 87 -9.88 15.41 -14.82
N SER A 88 -8.87 15.25 -13.95
CA SER A 88 -7.60 15.91 -14.17
C SER A 88 -6.92 15.45 -15.47
N ALA A 89 -6.97 14.15 -15.78
CA ALA A 89 -6.39 13.64 -17.03
C ALA A 89 -7.07 14.30 -18.22
N HIS A 90 -8.39 14.16 -18.27
CA HIS A 90 -9.15 14.75 -19.36
C HIS A 90 -8.89 16.24 -19.46
N THR A 91 -8.99 16.94 -18.33
CA THR A 91 -8.92 18.39 -18.39
C THR A 91 -7.53 18.86 -18.78
N SER A 92 -6.51 18.48 -17.98
CA SER A 92 -5.17 19.01 -18.19
C SER A 92 -4.40 18.31 -19.32
N LEU A 93 -4.75 17.09 -19.69
CA LEU A 93 -3.98 16.36 -20.69
C LEU A 93 -4.62 16.29 -22.06
N CYS A 94 -5.94 16.37 -22.16
CA CYS A 94 -6.56 16.36 -23.47
C CYS A 94 -7.18 17.69 -23.86
N ALA A 95 -8.02 18.28 -22.99
CA ALA A 95 -8.71 19.50 -23.37
C ALA A 95 -7.76 20.68 -23.35
N ALA A 96 -6.71 20.58 -22.52
CA ALA A 96 -5.77 21.68 -22.33
C ALA A 96 -4.90 21.92 -23.56
N PRO A 97 -4.17 20.91 -24.10
CA PRO A 97 -3.36 21.17 -25.30
C PRO A 97 -4.17 21.42 -26.56
N ILE A 98 -5.42 20.93 -26.65
CA ILE A 98 -6.25 21.27 -27.80
C ILE A 98 -6.55 22.76 -27.81
N TYR A 99 -6.91 23.34 -26.65
CA TYR A 99 -7.17 24.77 -26.57
C TYR A 99 -5.88 25.59 -26.57
N GLU A 100 -4.82 25.06 -26.01
CA GLU A 100 -3.61 25.87 -25.83
C GLU A 100 -2.80 25.99 -27.13
N ASN A 101 -2.85 24.97 -27.98
CA ASN A 101 -2.12 24.99 -29.24
C ASN A 101 -3.00 24.64 -30.44
N GLY A 102 -4.30 24.59 -30.28
CA GLY A 102 -5.14 24.17 -31.37
C GLY A 102 -5.59 25.33 -32.23
N THR A 103 -6.01 24.99 -33.49
CA THR A 103 -6.53 25.99 -34.40
C THR A 103 -8.04 26.12 -34.19
N PRO A 104 -8.59 27.31 -34.50
CA PRO A 104 -10.04 27.52 -34.35
C PRO A 104 -10.91 26.36 -34.81
N GLU A 105 -10.53 25.79 -35.96
CA GLU A 105 -11.20 24.59 -36.44
C GLU A 105 -11.11 23.49 -35.40
N GLN A 106 -9.88 23.07 -35.06
CA GLN A 106 -9.66 22.08 -34.01
C GLN A 106 -10.37 22.46 -32.71
N LYS A 107 -10.33 23.75 -32.34
CA LYS A 107 -10.91 24.15 -31.06
C LYS A 107 -12.43 23.98 -31.08
N GLU A 108 -13.05 24.06 -32.26
CA GLU A 108 -14.49 23.95 -32.34
C GLU A 108 -14.96 22.54 -32.66
N LYS A 109 -14.07 21.69 -33.20
CA LYS A 109 -14.43 20.32 -33.50
C LYS A 109 -14.39 19.41 -32.28
N TYR A 110 -13.55 19.73 -31.28
CA TYR A 110 -13.35 18.90 -30.10
C TYR A 110 -13.75 19.55 -28.78
N LEU A 111 -13.33 20.80 -28.54
CA LEU A 111 -13.50 21.39 -27.20
C LEU A 111 -14.94 21.44 -26.71
N PRO A 112 -15.95 21.83 -27.51
CA PRO A 112 -17.34 21.81 -27.02
C PRO A 112 -17.81 20.49 -26.42
N LYS A 113 -17.52 19.37 -27.07
CA LYS A 113 -17.92 18.07 -26.55
C LYS A 113 -17.03 17.60 -25.40
N LEU A 114 -15.84 18.19 -25.24
CA LEU A 114 -15.01 17.88 -24.09
C LEU A 114 -15.47 18.66 -22.86
N CYS A 115 -15.62 19.98 -22.99
CA CYS A 115 -16.00 20.81 -21.85
C CYS A 115 -17.41 20.53 -21.35
N SER A 116 -18.22 19.84 -22.16
CA SER A 116 -19.59 19.49 -21.81
C SER A 116 -19.74 18.08 -21.27
N GLY A 117 -18.65 17.31 -21.23
CA GLY A 117 -18.65 15.94 -20.76
C GLY A 117 -19.09 14.92 -21.80
N GLU A 118 -19.54 15.34 -22.99
CA GLU A 118 -20.02 14.40 -24.01
C GLU A 118 -18.90 13.50 -24.51
N TRP A 119 -17.67 14.00 -24.50
CA TRP A 119 -16.50 13.22 -24.88
C TRP A 119 -15.52 13.21 -23.72
N LEU A 120 -14.94 12.05 -23.50
CA LEU A 120 -13.91 11.86 -22.49
C LEU A 120 -12.55 11.94 -23.17
N GLY A 121 -11.64 12.73 -22.58
CA GLY A 121 -10.33 12.91 -23.14
C GLY A 121 -9.29 12.00 -22.52
N ALA A 122 -8.21 11.80 -23.28
CA ALA A 122 -7.06 11.01 -22.87
C ALA A 122 -5.81 11.60 -23.53
N PHE A 123 -4.65 11.03 -23.17
CA PHE A 123 -3.36 11.49 -23.67
C PHE A 123 -2.37 10.33 -23.68
N GLY A 124 -1.62 10.16 -24.79
CA GLY A 124 -0.56 9.14 -24.83
C GLY A 124 0.85 9.59 -25.20
N LEU A 125 1.80 9.48 -24.27
CA LEU A 125 3.22 9.78 -24.47
C LEU A 125 4.13 8.62 -24.09
N THR A 126 3.76 7.87 -23.06
CA THR A 126 4.61 6.81 -22.54
C THR A 126 4.64 5.62 -23.49
N GLU A 127 5.82 5.01 -23.64
CA GLU A 127 6.01 3.81 -24.44
C GLU A 127 6.64 2.75 -23.54
N PRO A 128 6.62 1.48 -23.97
CA PRO A 128 7.16 0.43 -23.12
C PRO A 128 8.59 0.64 -22.68
N GLY A 129 9.53 0.90 -23.59
CA GLY A 129 10.87 1.18 -23.14
C GLY A 129 11.46 2.58 -23.24
N ALA A 130 10.60 3.57 -23.37
CA ALA A 130 11.05 4.95 -23.28
C ALA A 130 10.19 5.89 -22.45
N GLY A 131 9.73 5.45 -21.30
CA GLY A 131 8.80 6.28 -20.55
C GLY A 131 9.42 7.59 -20.04
N THR A 132 10.39 7.47 -19.12
CA THR A 132 11.17 8.63 -18.67
C THR A 132 11.94 9.24 -19.85
N ASP A 133 12.57 8.39 -20.67
CA ASP A 133 13.22 8.82 -21.91
C ASP A 133 12.14 8.98 -22.99
N ALA A 134 11.17 9.83 -22.67
CA ALA A 134 10.07 10.10 -23.58
C ALA A 134 10.52 10.74 -24.90
N GLN A 135 11.81 11.09 -25.05
CA GLN A 135 12.34 11.69 -26.27
C GLN A 135 13.01 10.69 -27.22
N GLY A 136 13.25 9.45 -26.76
CA GLY A 136 13.80 8.38 -27.60
C GLY A 136 12.75 7.34 -27.93
N GLN A 137 11.52 7.80 -28.20
CA GLN A 137 10.39 6.93 -28.41
C GLN A 137 10.35 6.41 -29.86
N GLN A 138 9.48 5.42 -30.12
CA GLN A 138 9.46 4.72 -31.41
C GLN A 138 8.15 4.77 -32.19
N THR A 139 7.05 5.24 -31.60
CA THR A 139 5.83 5.46 -32.39
C THR A 139 6.10 6.58 -33.38
N THR A 140 5.90 6.30 -34.67
CA THR A 140 6.20 7.21 -35.76
C THR A 140 4.93 7.52 -36.53
N ALA A 141 4.97 8.62 -37.30
CA ALA A 141 3.92 9.01 -38.24
C ALA A 141 4.58 9.52 -39.51
N VAL A 142 4.05 9.07 -40.65
CA VAL A 142 4.51 9.48 -41.97
C VAL A 142 3.31 10.00 -42.78
N GLU A 143 3.58 10.87 -43.76
CA GLU A 143 2.51 11.50 -44.55
C GLU A 143 2.00 10.57 -45.64
N ASP A 144 0.68 10.58 -45.86
CA ASP A 144 0.07 9.84 -46.97
C ASP A 144 -0.99 10.74 -47.61
N GLY A 145 -0.57 11.50 -48.61
CA GLY A 145 -1.52 12.33 -49.33
C GLY A 145 -2.04 13.45 -48.45
N ASP A 146 -3.31 13.35 -48.09
CA ASP A 146 -3.89 14.27 -47.12
C ASP A 146 -4.22 13.57 -45.79
N TYR A 147 -3.55 12.44 -45.50
CA TYR A 147 -3.70 11.70 -44.26
C TYR A 147 -2.34 11.52 -43.60
N TRP A 148 -2.35 11.24 -42.30
CA TRP A 148 -1.17 10.74 -41.59
C TRP A 148 -1.39 9.26 -41.28
N VAL A 149 -0.30 8.53 -41.14
CA VAL A 149 -0.41 7.14 -40.68
C VAL A 149 0.52 6.96 -39.49
N LEU A 150 0.02 6.31 -38.43
CA LEU A 150 0.77 6.16 -37.20
C LEU A 150 0.78 4.69 -36.82
N ASN A 151 1.92 4.23 -36.32
CA ASN A 151 2.17 2.81 -36.01
C ASN A 151 3.08 2.73 -34.80
N GLY A 152 2.67 1.98 -33.78
CA GLY A 152 3.36 1.96 -32.51
C GLY A 152 2.40 1.61 -31.37
N SER A 153 2.86 1.87 -30.13
CA SER A 153 2.07 1.58 -28.95
C SER A 153 2.36 2.61 -27.88
N LYS A 154 1.35 2.87 -27.06
CA LYS A 154 1.43 3.77 -25.93
C LYS A 154 0.90 2.98 -24.74
N ILE A 155 1.58 3.08 -23.61
CA ILE A 155 1.24 2.30 -22.43
C ILE A 155 0.93 3.27 -21.30
N PHE A 156 0.17 2.77 -20.32
CA PHE A 156 -0.21 3.53 -19.13
C PHE A 156 -0.96 4.81 -19.50
N ILE A 157 -2.12 4.63 -20.13
CA ILE A 157 -2.91 5.73 -20.66
C ILE A 157 -4.21 5.77 -19.84
N THR A 158 -4.30 6.75 -18.94
CA THR A 158 -5.50 6.94 -18.13
C THR A 158 -6.67 7.31 -19.03
N ASN A 159 -7.83 6.70 -18.75
CA ASN A 159 -9.13 6.92 -19.42
C ASN A 159 -9.23 6.24 -20.81
N ALA A 160 -8.21 5.52 -21.27
CA ALA A 160 -8.20 5.02 -22.65
C ALA A 160 -9.40 4.12 -22.93
N GLY A 161 -9.81 3.32 -21.96
CA GLY A 161 -10.88 2.37 -22.23
C GLY A 161 -12.23 3.00 -22.41
N TYR A 162 -12.41 4.24 -21.95
CA TYR A 162 -13.69 4.94 -22.08
C TYR A 162 -13.57 6.27 -22.80
N ALA A 163 -12.42 6.58 -23.38
CA ALA A 163 -12.18 7.89 -23.95
C ALA A 163 -12.60 7.96 -25.42
N ASP A 164 -12.91 9.18 -25.87
CA ASP A 164 -13.39 9.42 -27.22
C ASP A 164 -12.37 10.11 -28.11
N VAL A 165 -11.53 10.94 -27.52
CA VAL A 165 -10.47 11.66 -28.24
C VAL A 165 -9.17 11.43 -27.47
N PHE A 166 -8.13 11.10 -28.20
CA PHE A 166 -6.79 10.89 -27.68
C PHE A 166 -5.83 11.89 -28.32
N ILE A 167 -4.73 12.19 -27.62
CA ILE A 167 -3.63 12.99 -28.15
C ILE A 167 -2.40 12.11 -28.20
N VAL A 168 -1.75 12.03 -29.35
CA VAL A 168 -0.65 11.08 -29.55
C VAL A 168 0.62 11.81 -29.97
N ILE A 169 1.74 11.40 -29.39
CA ILE A 169 3.06 11.98 -29.68
C ILE A 169 3.79 10.92 -30.50
N ALA A 170 3.97 11.20 -31.79
CA ALA A 170 4.60 10.28 -32.70
C ALA A 170 5.85 10.94 -33.26
N VAL A 171 6.81 10.10 -33.69
CA VAL A 171 8.08 10.55 -34.25
C VAL A 171 7.89 10.78 -35.76
N THR A 172 7.87 12.05 -36.18
CA THR A 172 7.60 12.37 -37.59
C THR A 172 8.87 12.62 -38.39
N ASP A 173 9.86 13.26 -37.80
CA ASP A 173 11.07 13.65 -38.50
C ASP A 173 12.29 13.13 -37.75
N LYS A 174 13.27 12.67 -38.52
CA LYS A 174 14.58 12.27 -38.00
C LYS A 174 15.56 13.24 -38.65
N VAL A 175 16.03 14.22 -37.88
CA VAL A 175 16.88 15.29 -38.39
C VAL A 175 18.22 15.26 -37.66
N LEU A 176 19.13 16.15 -38.05
CA LEU A 176 20.48 16.17 -37.50
C LEU A 176 20.59 17.27 -36.45
N ASP A 177 21.44 17.01 -35.44
CA ASP A 177 21.73 17.95 -34.36
C ASP A 177 22.91 18.85 -34.76
N LYS A 178 23.41 19.62 -33.80
CA LYS A 178 24.44 20.59 -34.10
C LYS A 178 25.78 19.91 -34.37
N LYS A 179 26.09 18.83 -33.64
CA LYS A 179 27.39 18.15 -33.77
C LYS A 179 27.27 16.82 -34.51
N GLY A 180 26.20 16.59 -35.26
CA GLY A 180 26.11 15.48 -36.17
C GLY A 180 25.36 14.28 -35.66
N ARG A 181 24.96 14.27 -34.38
CA ARG A 181 24.15 13.17 -33.86
C ARG A 181 22.78 13.24 -34.51
N PRO A 182 22.30 12.16 -35.11
CA PRO A 182 20.89 12.15 -35.54
C PRO A 182 19.97 12.19 -34.34
N THR A 183 18.80 12.80 -34.52
CA THR A 183 17.84 12.94 -33.44
C THR A 183 16.44 12.70 -33.98
N LYS A 184 15.50 12.55 -33.06
CA LYS A 184 14.12 12.22 -33.37
C LYS A 184 13.23 13.38 -32.97
N LEU A 185 12.48 13.90 -33.93
CA LEU A 185 11.54 14.99 -33.71
C LEU A 185 10.12 14.45 -33.73
N CYS A 186 9.29 14.92 -32.79
CA CYS A 186 7.93 14.43 -32.64
C CYS A 186 6.91 15.49 -33.05
N SER A 187 5.70 15.02 -33.32
CA SER A 187 4.55 15.88 -33.54
C SER A 187 3.33 15.33 -32.80
N ALA A 188 2.46 16.25 -32.38
CA ALA A 188 1.23 15.88 -31.68
C ALA A 188 0.09 15.65 -32.68
N PHE A 189 -0.73 14.63 -32.40
CA PHE A 189 -1.83 14.26 -33.26
C PHE A 189 -3.09 14.01 -32.43
N ILE A 190 -4.19 14.60 -32.84
CA ILE A 190 -5.50 14.33 -32.25
C ILE A 190 -6.05 13.07 -32.89
N VAL A 191 -6.25 12.02 -32.10
CA VAL A 191 -6.68 10.73 -32.63
C VAL A 191 -8.03 10.40 -31.99
N GLU A 192 -9.05 10.26 -32.84
CA GLU A 192 -10.36 9.78 -32.40
C GLU A 192 -10.34 8.28 -32.15
N ARG A 193 -11.22 7.82 -31.26
CA ARG A 193 -11.34 6.38 -31.02
C ARG A 193 -11.80 5.66 -32.27
N THR A 194 -12.58 6.33 -33.12
CA THR A 194 -13.16 5.75 -34.31
C THR A 194 -12.18 5.64 -35.49
N ASP A 195 -10.95 6.12 -35.33
CA ASP A 195 -10.01 6.07 -36.44
C ASP A 195 -9.62 4.63 -36.77
N PRO A 196 -9.54 4.28 -38.06
CA PRO A 196 -9.22 2.90 -38.43
C PRO A 196 -7.83 2.47 -37.96
N GLY A 197 -7.71 1.21 -37.58
CA GLY A 197 -6.43 0.74 -37.10
C GLY A 197 -5.97 1.29 -35.77
N PHE A 198 -6.89 1.74 -34.93
CA PHE A 198 -6.58 2.18 -33.58
C PHE A 198 -7.40 1.31 -32.63
N SER A 199 -6.72 0.67 -31.68
CA SER A 199 -7.36 -0.18 -30.69
C SER A 199 -6.84 0.19 -29.29
N VAL A 200 -7.73 0.09 -28.30
CA VAL A 200 -7.43 0.31 -26.89
C VAL A 200 -7.30 -1.04 -26.21
N GLY A 201 -6.22 -1.24 -25.46
CA GLY A 201 -5.97 -2.51 -24.78
C GLY A 201 -6.88 -2.75 -23.59
N LYS A 202 -6.61 -3.85 -22.88
CA LYS A 202 -7.41 -4.23 -21.71
C LYS A 202 -6.96 -3.43 -20.48
N ALA A 203 -7.87 -3.35 -19.50
CA ALA A 203 -7.65 -2.54 -18.31
C ALA A 203 -6.57 -3.16 -17.44
N GLU A 204 -5.49 -2.41 -17.20
CA GLU A 204 -4.42 -2.92 -16.34
C GLU A 204 -4.88 -3.05 -14.89
N ASP A 205 -4.18 -3.90 -14.15
CA ASP A 205 -4.54 -4.14 -12.76
C ASP A 205 -3.54 -3.41 -11.88
N LYS A 206 -3.89 -2.19 -11.49
CA LYS A 206 -2.99 -1.36 -10.66
C LYS A 206 -3.23 -1.59 -9.17
N MET A 207 -2.32 -1.10 -8.32
CA MET A 207 -2.42 -1.26 -6.84
C MET A 207 -3.55 -0.38 -6.31
N GLY A 208 -3.70 0.80 -6.89
CA GLY A 208 -4.74 1.75 -6.48
C GLY A 208 -5.34 2.40 -7.70
N ILE A 209 -6.07 3.50 -7.53
CA ILE A 209 -6.80 4.15 -8.66
C ILE A 209 -7.25 3.03 -9.63
N ARG A 210 -7.74 1.91 -9.09
CA ARG A 210 -8.08 0.83 -10.02
C ARG A 210 -9.35 1.13 -10.83
N GLY A 211 -10.21 2.02 -10.35
CA GLY A 211 -11.40 2.35 -11.12
C GLY A 211 -11.12 3.11 -12.41
N SER A 212 -9.99 3.78 -12.49
CA SER A 212 -9.62 4.43 -13.73
C SER A 212 -9.29 3.39 -14.77
N SER A 213 -9.50 3.74 -16.04
CA SER A 213 -9.19 2.87 -17.14
C SER A 213 -7.82 3.25 -17.68
N THR A 214 -6.78 2.60 -17.19
CA THR A 214 -5.44 2.75 -17.77
C THR A 214 -5.20 1.62 -18.77
N CYS A 215 -4.90 2.00 -20.01
CA CYS A 215 -4.86 1.02 -21.08
C CYS A 215 -3.74 1.33 -22.06
N GLU A 216 -3.51 0.36 -22.92
CA GLU A 216 -2.49 0.45 -23.94
C GLU A 216 -3.17 0.85 -25.25
N LEU A 217 -2.48 1.68 -26.01
CA LEU A 217 -2.97 2.15 -27.31
C LEU A 217 -2.16 1.48 -28.41
N ILE A 218 -2.84 0.85 -29.36
CA ILE A 218 -2.19 0.09 -30.44
C ILE A 218 -2.53 0.77 -31.76
N PHE A 219 -1.52 1.30 -32.43
CA PHE A 219 -1.69 1.98 -33.72
C PHE A 219 -1.21 1.04 -34.82
N GLU A 220 -2.17 0.44 -35.56
CA GLU A 220 -1.89 -0.40 -36.72
C GLU A 220 -2.46 0.30 -37.94
N ASP A 221 -1.58 0.85 -38.78
CA ASP A 221 -1.94 1.69 -39.93
C ASP A 221 -3.05 2.68 -39.56
N CYS A 222 -2.76 3.51 -38.56
CA CYS A 222 -3.78 4.46 -38.11
C CYS A 222 -3.84 5.64 -39.09
N ARG A 223 -4.74 5.54 -40.05
CA ARG A 223 -4.90 6.57 -41.09
C ARG A 223 -5.79 7.68 -40.55
N ILE A 224 -5.18 8.82 -40.25
CA ILE A 224 -5.91 9.95 -39.71
C ILE A 224 -5.86 11.08 -40.72
N PRO A 225 -6.86 11.96 -40.77
CA PRO A 225 -6.79 13.14 -41.65
C PRO A 225 -5.59 14.03 -41.35
N LYS A 226 -5.25 14.87 -42.33
CA LYS A 226 -4.07 15.73 -42.21
C LYS A 226 -4.25 16.79 -41.13
N ASP A 227 -5.46 17.32 -40.96
CA ASP A 227 -5.72 18.46 -40.09
C ASP A 227 -5.73 18.10 -38.61
N ARG A 228 -5.46 16.83 -38.28
CA ARG A 228 -5.42 16.36 -36.89
C ARG A 228 -4.03 16.46 -36.26
N MET A 229 -3.05 17.00 -36.97
CA MET A 229 -1.80 17.35 -36.32
C MET A 229 -2.02 18.58 -35.45
N LEU A 230 -1.56 18.51 -34.21
CA LEU A 230 -1.67 19.57 -33.22
C LEU A 230 -0.29 20.21 -33.01
N GLY A 231 -0.28 21.54 -32.95
CA GLY A 231 0.92 22.31 -32.78
C GLY A 231 1.70 22.44 -34.08
N VAL A 232 2.89 23.00 -33.95
CA VAL A 232 3.80 23.18 -35.07
C VAL A 232 4.52 21.86 -35.32
N ARG A 233 4.74 21.54 -36.60
CA ARG A 233 5.39 20.28 -36.96
C ARG A 233 6.79 20.20 -36.36
N GLY A 234 7.16 19.01 -35.91
CA GLY A 234 8.45 18.78 -35.29
C GLY A 234 8.57 19.24 -33.86
N LYS A 235 7.61 20.02 -33.36
CA LYS A 235 7.64 20.54 -31.99
C LYS A 235 6.65 19.80 -31.08
N GLY A 236 6.42 18.52 -31.34
CA GLY A 236 5.48 17.77 -30.52
C GLY A 236 6.01 17.50 -29.12
N PHE A 237 7.32 17.24 -28.99
CA PHE A 237 7.84 16.88 -27.66
C PHE A 237 7.84 18.07 -26.73
N GLN A 238 8.14 19.27 -27.25
CA GLN A 238 7.95 20.47 -26.44
C GLN A 238 6.49 20.58 -26.01
N LEU A 239 5.58 20.22 -26.92
CA LEU A 239 4.17 20.24 -26.59
C LEU A 239 3.83 19.14 -25.59
N ALA A 240 4.53 18.00 -25.69
CA ALA A 240 4.29 16.93 -24.74
C ALA A 240 4.70 17.39 -23.33
N MET A 241 5.85 18.07 -23.21
CA MET A 241 6.27 18.53 -21.90
C MET A 241 5.40 19.68 -21.40
N ALA A 242 4.92 20.56 -22.30
CA ALA A 242 4.06 21.64 -21.83
C ALA A 242 2.72 21.13 -21.30
N THR A 243 2.26 19.97 -21.80
CA THR A 243 0.97 19.44 -21.35
C THR A 243 1.12 18.78 -19.99
N LEU A 244 2.24 18.10 -19.76
CA LEU A 244 2.54 17.50 -18.46
C LEU A 244 2.82 18.55 -17.38
N ASP A 245 3.23 19.77 -17.77
CA ASP A 245 3.37 20.87 -16.81
C ASP A 245 2.05 21.15 -16.10
N GLY A 246 0.96 21.29 -16.87
CA GLY A 246 -0.33 21.50 -16.22
C GLY A 246 -0.83 20.27 -15.49
N GLY A 247 -0.71 19.10 -16.12
CA GLY A 247 -1.17 17.87 -15.51
C GLY A 247 -0.44 17.57 -14.22
N ARG A 248 0.83 18.00 -14.11
CA ARG A 248 1.53 17.78 -12.85
C ARG A 248 0.87 18.56 -11.73
N ILE A 249 0.26 19.70 -12.04
CA ILE A 249 -0.50 20.40 -11.02
C ILE A 249 -1.70 19.58 -10.59
N GLY A 250 -2.38 18.95 -11.56
CA GLY A 250 -3.57 18.18 -11.24
C GLY A 250 -3.27 16.98 -10.36
N ILE A 251 -2.16 16.28 -10.66
CA ILE A 251 -1.74 15.16 -9.81
C ILE A 251 -1.33 15.68 -8.45
N ALA A 252 -0.83 16.93 -8.38
CA ALA A 252 -0.46 17.53 -7.10
C ALA A 252 -1.69 17.71 -6.23
N SER A 253 -2.81 18.12 -6.83
CA SER A 253 -4.03 18.25 -6.05
C SER A 253 -4.65 16.90 -5.71
N GLN A 254 -4.37 15.87 -6.50
CA GLN A 254 -4.94 14.56 -6.20
C GLN A 254 -4.25 13.95 -4.97
N ALA A 255 -2.92 14.02 -4.94
CA ALA A 255 -2.17 13.56 -3.80
C ALA A 255 -2.48 14.38 -2.56
N LEU A 256 -2.68 15.69 -2.75
CA LEU A 256 -3.11 16.55 -1.66
C LEU A 256 -4.48 16.17 -1.13
N GLY A 257 -5.43 15.89 -2.04
CA GLY A 257 -6.77 15.51 -1.63
C GLY A 257 -6.79 14.17 -0.93
N ILE A 258 -5.95 13.23 -1.39
CA ILE A 258 -5.80 11.96 -0.68
C ILE A 258 -5.30 12.23 0.72
N ALA A 259 -4.27 13.08 0.84
CA ALA A 259 -3.73 13.34 2.16
C ALA A 259 -4.76 14.02 3.03
N GLU A 260 -5.62 14.84 2.39
CA GLU A 260 -6.63 15.62 3.11
C GLU A 260 -7.78 14.74 3.58
N GLY A 261 -8.30 13.90 2.69
CA GLY A 261 -9.31 12.93 3.08
C GLY A 261 -8.82 11.89 4.08
N ALA A 262 -7.53 11.49 3.97
CA ALA A 262 -6.97 10.61 4.96
C ALA A 262 -6.92 11.28 6.33
N LEU A 263 -6.51 12.56 6.37
CA LEU A 263 -6.46 13.28 7.64
C LEU A 263 -7.86 13.46 8.23
N GLN A 264 -8.86 13.66 7.37
CA GLN A 264 -10.24 13.83 7.82
C GLN A 264 -10.75 12.59 8.54
N GLU A 265 -10.64 11.44 7.85
CA GLU A 265 -11.16 10.18 8.40
C GLU A 265 -10.37 9.76 9.65
N THR A 266 -9.12 10.21 9.79
CA THR A 266 -8.33 9.91 10.97
C THR A 266 -8.77 10.75 12.18
N VAL A 267 -8.97 12.07 12.01
CA VAL A 267 -9.49 12.87 13.12
C VAL A 267 -10.85 12.35 13.59
N ALA A 268 -11.73 12.03 12.64
CA ALA A 268 -13.03 11.50 13.03
C ALA A 268 -12.89 10.15 13.71
N TYR A 269 -11.90 9.35 13.32
CA TYR A 269 -11.75 8.04 13.94
C TYR A 269 -11.20 8.14 15.35
N VAL A 270 -10.17 8.96 15.57
CA VAL A 270 -9.55 9.05 16.90
C VAL A 270 -10.46 9.74 17.92
N LYS A 271 -11.44 10.54 17.48
CA LYS A 271 -12.29 11.26 18.43
C LYS A 271 -13.33 10.35 19.07
N GLU A 272 -13.65 9.23 18.45
CA GLU A 272 -14.69 8.38 18.98
C GLU A 272 -14.11 7.13 19.63
N ARG A 273 -13.23 6.41 18.94
CA ARG A 273 -12.65 5.17 19.45
C ARG A 273 -11.97 5.40 20.80
N LYS A 274 -12.27 4.53 21.76
CA LYS A 274 -11.74 4.61 23.12
C LYS A 274 -11.08 3.29 23.45
N GLN A 275 -9.75 3.31 23.60
CA GLN A 275 -8.98 2.11 23.92
C GLN A 275 -8.67 2.01 25.41
N PHE A 276 -8.06 3.03 26.01
CA PHE A 276 -7.47 2.93 27.34
C PHE A 276 -8.38 3.54 28.42
N GLY A 277 -9.71 3.43 28.25
CA GLY A 277 -10.61 4.18 29.09
C GLY A 277 -10.87 5.61 28.66
N ARG A 278 -10.30 6.04 27.54
CA ARG A 278 -10.60 7.35 26.96
C ARG A 278 -10.31 7.30 25.47
N SER A 279 -10.76 8.34 24.78
CA SER A 279 -10.57 8.41 23.34
C SER A 279 -9.09 8.41 22.97
N ILE A 280 -8.73 7.63 21.94
CA ILE A 280 -7.35 7.51 21.47
C ILE A 280 -6.76 8.84 21.04
N SER A 281 -7.60 9.86 20.82
CA SER A 281 -7.14 11.23 20.63
C SER A 281 -6.64 11.87 21.91
N ALA A 282 -6.65 11.13 23.02
CA ALA A 282 -6.08 11.63 24.27
C ALA A 282 -4.61 11.23 24.47
N PHE A 283 -4.07 10.34 23.65
CA PHE A 283 -2.65 10.02 23.71
C PHE A 283 -1.86 11.20 23.14
N GLN A 284 -0.73 11.53 23.78
CA GLN A 284 0.06 12.64 23.24
C GLN A 284 0.59 12.30 21.85
N ASN A 285 0.77 11.02 21.56
CA ASN A 285 1.23 10.58 20.25
C ASN A 285 0.18 10.81 19.17
N THR A 286 -1.11 10.56 19.46
CA THR A 286 -2.11 10.84 18.42
C THR A 286 -2.15 12.32 18.08
N GLN A 287 -1.98 13.19 19.07
CA GLN A 287 -2.10 14.62 18.81
C GLN A 287 -0.87 15.11 18.05
N PHE A 288 0.30 14.55 18.35
CA PHE A 288 1.53 15.01 17.71
C PHE A 288 1.62 14.54 16.27
N GLU A 289 1.08 13.35 15.97
CA GLU A 289 1.08 12.87 14.59
C GLU A 289 0.13 13.66 13.71
N LEU A 290 -1.10 13.89 14.17
CA LEU A 290 -2.08 14.60 13.34
C LEU A 290 -1.71 16.07 13.17
N ALA A 291 -1.12 16.69 14.19
CA ALA A 291 -0.73 18.10 14.10
C ALA A 291 0.39 18.31 13.09
N GLU A 292 1.44 17.50 13.17
CA GLU A 292 2.55 17.64 12.23
C GLU A 292 2.07 17.31 10.82
N MET A 293 1.22 16.30 10.69
CA MET A 293 0.70 15.96 9.38
C MET A 293 -0.14 17.10 8.80
N LYS A 294 -0.94 17.80 9.65
CA LYS A 294 -1.79 18.88 9.15
C LYS A 294 -0.98 20.04 8.61
N ALA A 295 0.11 20.39 9.30
CA ALA A 295 0.94 21.47 8.81
C ALA A 295 1.56 21.07 7.48
N ARG A 296 2.00 19.80 7.37
CA ARG A 296 2.59 19.37 6.12
C ARG A 296 1.58 19.47 5.01
N ILE A 297 0.34 19.09 5.30
CA ILE A 297 -0.72 19.14 4.32
C ILE A 297 -1.07 20.59 3.97
N GLU A 298 -1.07 21.47 4.97
CA GLU A 298 -1.34 22.87 4.66
C GLU A 298 -0.27 23.41 3.73
N ALA A 299 1.01 23.15 4.06
CA ALA A 299 2.12 23.70 3.28
C ALA A 299 2.08 23.21 1.85
N ALA A 300 1.78 21.92 1.65
CA ALA A 300 1.64 21.38 0.30
C ALA A 300 0.48 22.06 -0.41
N LYS A 301 -0.62 22.34 0.31
CA LYS A 301 -1.74 22.97 -0.36
C LYS A 301 -1.30 24.29 -0.98
N TYR A 302 -0.45 25.04 -0.27
CA TYR A 302 0.06 26.33 -0.75
C TYR A 302 0.97 26.16 -1.96
N LEU A 303 1.70 25.04 -2.05
CA LEU A 303 2.43 24.73 -3.27
C LEU A 303 1.48 24.40 -4.41
N VAL A 304 0.43 23.61 -4.11
CA VAL A 304 -0.51 23.28 -5.16
C VAL A 304 -1.19 24.55 -5.65
N TYR A 305 -1.55 25.43 -4.73
CA TYR A 305 -2.24 26.67 -5.11
C TYR A 305 -1.28 27.64 -5.82
N ALA A 306 -0.04 27.77 -5.33
CA ALA A 306 0.90 28.67 -5.99
C ALA A 306 1.18 28.18 -7.41
N ALA A 307 1.05 26.88 -7.65
CA ALA A 307 1.26 26.37 -9.01
C ALA A 307 0.09 26.75 -9.94
N ALA A 308 -1.15 26.60 -9.46
CA ALA A 308 -2.30 26.93 -10.30
C ALA A 308 -2.31 28.41 -10.63
N LEU A 309 -1.91 29.25 -9.67
CA LEU A 309 -1.96 30.68 -9.93
C LEU A 309 -0.94 31.11 -10.95
N LYS A 310 0.21 30.43 -11.00
CA LYS A 310 1.21 30.80 -12.00
C LYS A 310 0.77 30.40 -13.41
N LYS A 311 0.02 29.30 -13.52
CA LYS A 311 -0.48 28.93 -14.84
C LYS A 311 -1.53 29.94 -15.31
N GLN A 312 -2.38 30.40 -14.39
CA GLN A 312 -3.38 31.40 -14.74
C GLN A 312 -2.73 32.67 -15.27
N GLU A 313 -1.61 33.08 -14.67
CA GLU A 313 -0.87 34.21 -15.20
C GLU A 313 -0.45 33.94 -16.63
N ALA A 314 0.22 32.80 -16.85
CA ALA A 314 0.73 32.46 -18.18
C ALA A 314 -0.40 32.40 -19.17
N MET A 315 -1.47 31.80 -18.75
CA MET A 315 -2.66 31.70 -19.53
C MET A 315 -3.35 33.06 -19.74
N ASN A 316 -3.26 33.99 -18.78
CA ASN A 316 -3.85 35.34 -18.92
C ASN A 316 -2.96 36.30 -19.73
N GLY A 317 -1.97 35.79 -20.46
CA GLY A 317 -1.15 36.61 -21.32
C GLY A 317 0.20 37.00 -20.74
N ALA A 318 0.39 36.83 -19.44
CA ALA A 318 1.71 37.07 -18.87
C ALA A 318 2.68 36.00 -19.36
N LYS A 319 3.90 36.42 -19.70
CA LYS A 319 4.95 35.50 -20.17
C LYS A 319 5.74 35.00 -18.96
N VAL A 320 5.19 33.95 -18.33
CA VAL A 320 5.81 33.33 -17.18
C VAL A 320 5.73 31.82 -17.37
N ARG A 321 6.74 31.12 -16.86
CA ARG A 321 6.84 29.66 -16.91
C ARG A 321 6.34 29.12 -15.58
N TYR A 322 5.56 28.04 -15.61
CA TYR A 322 5.07 27.46 -14.37
C TYR A 322 5.50 26.01 -14.18
N SER A 323 6.42 25.53 -15.02
CA SER A 323 6.90 24.15 -14.89
C SER A 323 7.59 23.91 -13.55
N VAL A 324 8.27 24.92 -12.99
CA VAL A 324 8.96 24.71 -11.71
C VAL A 324 7.95 24.62 -10.58
N GLU A 325 6.99 25.56 -10.54
CA GLU A 325 5.97 25.50 -9.51
C GLU A 325 5.22 24.19 -9.60
N ALA A 326 4.95 23.74 -10.82
CA ALA A 326 4.20 22.51 -11.00
C ALA A 326 4.96 21.32 -10.45
N ALA A 327 6.29 21.34 -10.64
CA ALA A 327 7.15 20.26 -10.19
C ALA A 327 7.26 20.23 -8.68
N GLN A 328 7.52 21.39 -8.08
CA GLN A 328 7.61 21.44 -6.63
C GLN A 328 6.30 21.03 -5.95
N ALA A 329 5.15 21.29 -6.57
CA ALA A 329 3.89 20.83 -6.00
C ALA A 329 3.74 19.31 -6.08
N LYS A 330 3.97 18.72 -7.26
CA LYS A 330 3.85 17.26 -7.42
C LYS A 330 4.91 16.51 -6.61
N LEU A 331 6.13 17.05 -6.51
CA LEU A 331 7.13 16.38 -5.68
C LEU A 331 6.63 16.31 -4.25
N ILE A 332 6.30 17.45 -3.67
CA ILE A 332 5.99 17.49 -2.25
C ILE A 332 4.60 16.90 -1.99
N ALA A 333 3.59 17.22 -2.82
CA ALA A 333 2.23 16.77 -2.50
C ALA A 333 2.11 15.25 -2.52
N ALA A 334 2.81 14.61 -3.46
CA ALA A 334 2.78 13.15 -3.59
C ALA A 334 3.49 12.49 -2.42
N ARG A 335 4.72 12.93 -2.10
CA ARG A 335 5.43 12.36 -0.97
C ARG A 335 4.66 12.58 0.31
N THR A 336 3.94 13.70 0.40
CA THR A 336 3.14 13.97 1.59
C THR A 336 2.04 12.94 1.71
N ALA A 337 1.42 12.61 0.58
CA ALA A 337 0.24 11.77 0.56
C ALA A 337 0.57 10.38 1.08
N SER A 338 1.67 9.80 0.56
CA SER A 338 2.10 8.49 1.03
C SER A 338 2.49 8.52 2.50
N ASP A 339 3.18 9.57 2.93
CA ASP A 339 3.59 9.67 4.32
C ASP A 339 2.39 9.85 5.26
N VAL A 340 1.40 10.65 4.85
CA VAL A 340 0.20 10.87 5.65
C VAL A 340 -0.65 9.60 5.70
N THR A 341 -0.80 8.91 4.57
CA THR A 341 -1.68 7.76 4.49
C THR A 341 -1.15 6.55 5.24
N ARG A 342 0.16 6.32 5.18
CA ARG A 342 0.71 5.21 5.95
C ARG A 342 0.61 5.51 7.44
N ARG A 343 0.80 6.78 7.83
CA ARG A 343 0.77 7.15 9.23
C ARG A 343 -0.64 7.14 9.80
N CYS A 344 -1.63 7.60 9.04
CA CYS A 344 -3.00 7.55 9.52
C CYS A 344 -3.51 6.12 9.69
N LEU A 345 -3.12 5.21 8.78
CA LEU A 345 -3.49 3.80 8.90
C LEU A 345 -2.91 3.19 10.17
N GLN A 346 -1.69 3.62 10.56
CA GLN A 346 -1.11 3.14 11.82
C GLN A 346 -1.97 3.52 13.00
N LEU A 347 -2.63 4.70 12.93
CA LEU A 347 -3.51 5.16 13.99
C LEU A 347 -4.79 4.35 14.07
N PHE A 348 -5.31 3.88 12.93
CA PHE A 348 -6.45 2.97 12.90
C PHE A 348 -6.13 1.60 13.47
N GLY A 349 -4.85 1.22 13.52
CA GLY A 349 -4.51 -0.09 14.05
C GLY A 349 -4.92 -1.19 13.06
N GLY A 350 -5.30 -2.33 13.62
CA GLY A 350 -5.70 -3.43 12.77
C GLY A 350 -6.98 -3.17 12.00
N TYR A 351 -7.80 -2.21 12.44
CA TYR A 351 -9.04 -1.97 11.71
C TYR A 351 -8.75 -1.31 10.37
N GLY A 352 -7.79 -0.37 10.33
CA GLY A 352 -7.43 0.27 9.08
C GLY A 352 -6.81 -0.63 8.03
N TYR A 353 -6.44 -1.86 8.41
CA TYR A 353 -5.91 -2.92 7.56
C TYR A 353 -6.99 -3.70 6.81
N THR A 354 -8.27 -3.45 7.08
CA THR A 354 -9.42 -4.07 6.41
C THR A 354 -10.11 -3.08 5.47
N ARG A 355 -11.00 -3.62 4.64
CA ARG A 355 -11.76 -2.82 3.69
C ARG A 355 -12.90 -2.04 4.33
N ASP A 356 -13.06 -2.11 5.66
CA ASP A 356 -14.08 -1.29 6.33
C ASP A 356 -13.83 0.20 6.08
N TYR A 357 -12.61 0.67 6.36
CA TYR A 357 -12.21 2.08 6.28
C TYR A 357 -11.49 2.37 4.98
N PRO A 358 -11.47 3.64 4.55
CA PRO A 358 -10.83 4.00 3.29
C PRO A 358 -9.34 4.22 3.39
N ILE A 359 -8.76 4.15 4.58
CA ILE A 359 -7.33 4.47 4.72
C ILE A 359 -6.44 3.49 3.95
N GLU A 360 -6.83 2.19 3.87
CA GLU A 360 -6.05 1.27 3.04
C GLU A 360 -6.18 1.62 1.55
N ARG A 361 -7.36 2.10 1.13
CA ARG A 361 -7.48 2.54 -0.25
C ARG A 361 -6.70 3.82 -0.48
N MET A 362 -6.66 4.69 0.53
CA MET A 362 -5.94 5.94 0.35
C MET A 362 -4.44 5.68 0.19
N MET A 363 -3.87 4.73 0.94
CA MET A 363 -2.43 4.49 0.82
C MET A 363 -2.09 3.94 -0.54
N ARG A 364 -2.94 3.04 -1.05
CA ARG A 364 -2.72 2.44 -2.38
C ARG A 364 -2.86 3.50 -3.44
N ASP A 365 -3.82 4.39 -3.25
CA ASP A 365 -3.96 5.48 -4.19
C ASP A 365 -2.80 6.45 -4.14
N ALA A 366 -2.22 6.68 -2.94
CA ALA A 366 -1.21 7.74 -2.88
C ALA A 366 0.05 7.37 -3.66
N LYS A 367 0.32 6.07 -3.78
CA LYS A 367 1.60 5.61 -4.29
C LYS A 367 1.79 6.00 -5.73
N ILE A 368 0.71 6.06 -6.48
CA ILE A 368 0.86 6.38 -7.89
C ILE A 368 1.25 7.82 -8.06
N THR A 369 0.74 8.73 -7.20
CA THR A 369 0.95 10.16 -7.41
C THR A 369 2.42 10.54 -7.33
N GLU A 370 3.27 9.69 -6.75
CA GLU A 370 4.71 9.83 -6.81
C GLU A 370 5.31 9.27 -8.11
N ILE A 371 4.51 8.58 -8.91
CA ILE A 371 5.08 7.96 -10.11
C ILE A 371 4.50 8.58 -11.38
N TYR A 372 3.20 8.55 -11.58
CA TYR A 372 2.75 8.86 -12.92
C TYR A 372 2.88 10.34 -13.24
N GLU A 373 2.91 10.64 -14.54
CA GLU A 373 3.01 11.99 -15.08
C GLU A 373 4.30 12.67 -14.62
N GLY A 374 5.37 11.88 -14.58
CA GLY A 374 6.67 12.30 -14.07
C GLY A 374 6.85 11.88 -12.62
N THR A 375 7.73 10.92 -12.37
CA THR A 375 7.99 10.49 -11.00
C THR A 375 8.65 11.64 -10.25
N SER A 376 8.77 11.49 -8.92
CA SER A 376 9.47 12.52 -8.15
C SER A 376 10.90 12.74 -8.63
N GLU A 377 11.57 11.69 -9.12
CA GLU A 377 12.88 11.89 -9.71
C GLU A 377 12.81 12.81 -10.93
N VAL A 378 11.78 12.65 -11.74
CA VAL A 378 11.65 13.50 -12.91
C VAL A 378 11.31 14.93 -12.49
N GLN A 379 10.49 15.07 -11.45
CA GLN A 379 10.20 16.37 -10.89
C GLN A 379 11.46 17.03 -10.35
N MET A 380 12.33 16.26 -9.69
CA MET A 380 13.53 16.88 -9.15
C MET A 380 14.49 17.31 -10.23
N MET A 381 14.51 16.60 -11.36
CA MET A 381 15.33 17.03 -12.50
C MET A 381 14.91 18.42 -12.96
N VAL A 382 13.60 18.67 -13.00
CA VAL A 382 13.07 19.95 -13.45
C VAL A 382 13.48 21.03 -12.48
N ILE A 383 13.27 20.78 -11.18
CA ILE A 383 13.56 21.75 -10.12
C ILE A 383 15.05 22.06 -10.09
N SER A 384 15.87 21.03 -10.18
CA SER A 384 17.32 21.20 -10.22
C SER A 384 17.75 21.89 -11.52
N GLY A 385 17.09 21.57 -12.64
CA GLY A 385 17.44 22.22 -13.89
C GLY A 385 17.42 23.73 -13.80
N ALA A 386 16.33 24.29 -13.28
CA ALA A 386 16.24 25.75 -13.27
C ALA A 386 17.20 26.32 -12.26
N LEU A 387 17.32 25.66 -11.11
CA LEU A 387 18.13 26.19 -10.03
C LEU A 387 19.61 26.15 -10.38
N LEU A 388 20.12 24.97 -10.76
CA LEU A 388 21.55 24.81 -11.00
C LEU A 388 22.02 25.50 -12.28
N LYS A 389 21.09 26.01 -13.08
CA LYS A 389 21.47 26.69 -14.35
C LYS A 389 21.95 28.11 -14.05
N MET B 1 32.97 -12.25 20.23
CA MET B 1 31.64 -12.56 19.69
C MET B 1 31.80 -13.24 18.32
N ASP B 2 30.81 -14.05 17.95
CA ASP B 2 30.78 -14.72 16.66
C ASP B 2 29.51 -14.31 15.91
N PHE B 3 29.67 -13.66 14.76
CA PHE B 3 28.56 -13.27 13.90
C PHE B 3 28.44 -14.15 12.66
N THR B 4 28.99 -15.36 12.71
CA THR B 4 28.97 -16.31 11.60
C THR B 4 28.02 -17.46 11.90
N LEU B 5 27.39 -17.99 10.85
CA LEU B 5 26.40 -19.08 11.03
C LEU B 5 27.10 -20.40 11.29
N SER B 6 26.50 -21.23 12.14
CA SER B 6 26.97 -22.60 12.31
C SER B 6 26.82 -23.35 10.99
N LYS B 7 27.78 -24.22 10.67
CA LYS B 7 27.73 -24.88 9.37
C LYS B 7 26.43 -25.65 9.16
N GLN B 8 25.71 -25.96 10.24
CA GLN B 8 24.36 -26.53 10.14
C GLN B 8 23.32 -25.43 9.89
N GLN B 9 23.50 -24.26 10.52
CA GLN B 9 22.60 -23.12 10.30
C GLN B 9 22.69 -22.58 8.86
N GLN B 10 23.89 -22.57 8.26
CA GLN B 10 24.01 -22.25 6.83
C GLN B 10 23.30 -23.29 5.99
N MET B 11 23.32 -24.55 6.44
CA MET B 11 22.71 -25.61 5.66
C MET B 11 21.20 -25.60 5.78
N VAL B 12 20.65 -25.33 6.98
CA VAL B 12 19.20 -25.20 7.08
C VAL B 12 18.73 -23.93 6.38
N GLN B 13 19.56 -22.87 6.34
CA GLN B 13 19.18 -21.65 5.65
C GLN B 13 19.00 -21.92 4.16
N LYS B 14 19.94 -22.64 3.56
CA LYS B 14 19.85 -22.94 2.13
C LYS B 14 18.71 -23.91 1.83
N MET B 15 18.29 -24.72 2.81
CA MET B 15 17.11 -25.56 2.63
C MET B 15 15.84 -24.73 2.57
N TYR B 16 15.67 -23.81 3.52
CA TYR B 16 14.48 -22.97 3.53
C TYR B 16 14.42 -22.09 2.30
N ARG B 17 15.57 -21.55 1.88
CA ARG B 17 15.57 -20.64 0.73
C ARG B 17 15.08 -21.39 -0.50
N GLU B 18 15.62 -22.59 -0.72
CA GLU B 18 15.23 -23.33 -1.92
C GLU B 18 13.78 -23.74 -1.88
N PHE B 19 13.29 -24.15 -0.71
CA PHE B 19 11.88 -24.47 -0.62
C PHE B 19 11.02 -23.25 -0.90
N ALA B 20 11.48 -22.06 -0.50
CA ALA B 20 10.72 -20.85 -0.71
C ALA B 20 10.61 -20.52 -2.21
N GLU B 21 11.74 -20.55 -2.95
CA GLU B 21 11.74 -20.17 -4.37
C GLU B 21 11.11 -21.24 -5.25
N ASN B 22 11.21 -22.53 -4.87
CA ASN B 22 10.71 -23.61 -5.71
C ASN B 22 9.23 -23.91 -5.47
N GLU B 23 8.75 -23.86 -4.22
CA GLU B 23 7.40 -24.30 -3.91
C GLU B 23 6.47 -23.21 -3.37
N VAL B 24 6.98 -22.10 -2.84
CA VAL B 24 6.16 -21.05 -2.28
C VAL B 24 6.14 -19.80 -3.17
N LYS B 25 7.27 -19.43 -3.76
CA LYS B 25 7.28 -18.31 -4.69
C LYS B 25 6.29 -18.49 -5.85
N PRO B 26 6.24 -19.63 -6.55
CA PRO B 26 5.35 -19.74 -7.72
C PRO B 26 3.87 -19.66 -7.38
N LEU B 27 3.53 -19.64 -6.09
CA LEU B 27 2.16 -19.57 -5.61
C LEU B 27 1.85 -18.23 -4.94
N ALA B 28 2.85 -17.34 -4.87
CA ALA B 28 2.73 -16.12 -4.09
C ALA B 28 1.66 -15.19 -4.64
N LYS B 29 1.60 -15.04 -5.97
CA LYS B 29 0.62 -14.16 -6.58
C LYS B 29 -0.78 -14.75 -6.57
N LYS B 30 -0.93 -16.08 -6.65
CA LYS B 30 -2.29 -16.60 -6.56
C LYS B 30 -2.86 -16.42 -5.17
N VAL B 31 -2.01 -16.53 -4.14
CA VAL B 31 -2.45 -16.51 -2.76
C VAL B 31 -2.94 -15.11 -2.38
N ASP B 32 -2.24 -14.08 -2.85
CA ASP B 32 -2.62 -12.71 -2.52
C ASP B 32 -3.85 -12.25 -3.29
N ALA B 33 -3.91 -12.53 -4.60
CA ALA B 33 -4.96 -11.96 -5.43
C ALA B 33 -6.32 -12.62 -5.19
N GLU B 34 -6.31 -13.92 -4.88
CA GLU B 34 -7.51 -14.70 -4.65
C GLU B 34 -7.81 -14.93 -3.19
N GLU B 35 -7.05 -14.30 -2.29
CA GLU B 35 -7.24 -14.48 -0.85
C GLU B 35 -7.18 -15.95 -0.46
N TYR B 36 -6.23 -16.67 -1.04
CA TYR B 36 -6.26 -18.13 -1.06
C TYR B 36 -5.31 -18.68 0.00
N PHE B 37 -5.86 -19.39 0.98
CA PHE B 37 -5.04 -20.02 2.02
C PHE B 37 -4.20 -21.15 1.43
N PRO B 38 -2.88 -21.09 1.52
CA PRO B 38 -2.07 -22.09 0.82
C PRO B 38 -2.03 -23.45 1.50
N LYS B 39 -3.14 -24.19 1.35
CA LYS B 39 -3.26 -25.49 2.02
C LYS B 39 -2.26 -26.51 1.50
N GLU B 40 -1.78 -26.33 0.26
CA GLU B 40 -0.78 -27.21 -0.31
C GLU B 40 0.57 -27.00 0.36
N THR B 41 1.01 -25.75 0.49
CA THR B 41 2.33 -25.52 1.07
C THR B 41 2.36 -25.77 2.58
N VAL B 42 1.20 -25.81 3.25
CA VAL B 42 1.24 -26.08 4.69
C VAL B 42 1.40 -27.59 4.96
N GLU B 43 0.87 -28.45 4.08
CA GLU B 43 1.14 -29.87 4.23
C GLU B 43 2.54 -30.22 3.77
N LYS B 44 3.04 -29.49 2.78
CA LYS B 44 4.42 -29.66 2.33
C LYS B 44 5.41 -29.25 3.41
N MET B 45 5.19 -28.09 4.03
CA MET B 45 6.04 -27.68 5.14
C MET B 45 5.99 -28.67 6.30
N GLY B 46 4.81 -29.26 6.56
CA GLY B 46 4.72 -30.22 7.66
C GLY B 46 5.54 -31.48 7.44
N LYS B 47 5.53 -32.02 6.23
CA LYS B 47 6.31 -33.22 5.94
C LYS B 47 7.81 -32.93 6.02
N LEU B 48 8.19 -31.66 5.85
CA LEU B 48 9.59 -31.26 6.07
C LEU B 48 9.92 -31.02 7.54
N GLY B 49 8.97 -31.14 8.45
CA GLY B 49 9.24 -30.83 9.85
C GLY B 49 9.40 -29.36 10.16
N MET B 50 8.84 -28.49 9.30
CA MET B 50 8.96 -27.05 9.44
C MET B 50 7.90 -26.45 10.34
N MET B 51 6.89 -27.23 10.76
CA MET B 51 5.97 -26.68 11.75
C MET B 51 6.38 -26.99 13.18
N GLY B 52 7.59 -27.49 13.39
CA GLY B 52 8.07 -27.70 14.73
C GLY B 52 9.51 -27.36 15.07
N ILE B 53 10.13 -26.40 14.39
CA ILE B 53 11.58 -26.44 14.15
C ILE B 53 12.36 -26.44 15.47
N TYR B 54 12.18 -25.38 16.27
CA TYR B 54 12.98 -25.23 17.47
C TYR B 54 12.57 -26.14 18.61
N PHE B 55 11.46 -26.94 18.52
CA PHE B 55 11.00 -27.79 19.62
C PHE B 55 11.74 -29.13 19.61
N PRO B 56 11.99 -29.72 20.77
CA PRO B 56 12.83 -30.91 20.81
C PRO B 56 12.11 -32.12 20.25
N THR B 57 12.92 -33.14 19.97
CA THR B 57 12.39 -34.41 19.50
C THR B 57 11.66 -35.16 20.61
N SER B 58 11.95 -34.85 21.88
CA SER B 58 11.25 -35.54 22.95
C SER B 58 9.78 -35.15 23.02
N VAL B 59 9.37 -34.06 22.37
CA VAL B 59 7.96 -33.65 22.30
C VAL B 59 7.45 -33.60 20.87
N GLY B 60 8.20 -34.19 19.92
CA GLY B 60 7.75 -34.35 18.55
C GLY B 60 8.32 -33.32 17.59
N GLY B 61 9.03 -32.33 18.11
CA GLY B 61 9.60 -31.29 17.28
C GLY B 61 10.77 -31.80 16.46
N ALA B 62 11.30 -30.91 15.63
CA ALA B 62 12.40 -31.31 14.75
C ALA B 62 13.73 -31.23 15.45
N GLY B 63 13.79 -30.66 16.64
CA GLY B 63 15.08 -30.57 17.27
C GLY B 63 15.94 -29.44 16.76
N GLY B 64 15.38 -28.43 16.12
CA GLY B 64 16.16 -27.31 15.63
C GLY B 64 16.36 -26.30 16.73
N ASP B 65 16.98 -25.17 16.36
CA ASP B 65 17.17 -24.05 17.26
C ASP B 65 16.18 -22.96 16.89
N VAL B 66 16.00 -21.98 17.80
CA VAL B 66 15.07 -20.89 17.52
C VAL B 66 15.50 -20.12 16.29
N LEU B 67 16.83 -19.95 16.11
CA LEU B 67 17.35 -19.17 15.00
C LEU B 67 17.00 -19.82 13.66
N SER B 68 16.95 -21.16 13.63
CA SER B 68 16.55 -21.83 12.40
C SER B 68 15.09 -21.51 12.10
N TYR B 69 14.25 -21.47 13.13
CA TYR B 69 12.86 -21.11 12.92
C TYR B 69 12.75 -19.69 12.41
N VAL B 70 13.58 -18.79 12.91
CA VAL B 70 13.51 -17.41 12.46
C VAL B 70 13.91 -17.33 11.00
N MET B 71 14.99 -18.04 10.62
CA MET B 71 15.44 -18.01 9.23
C MET B 71 14.37 -18.58 8.31
N ALA B 72 13.62 -19.57 8.80
CA ALA B 72 12.55 -20.14 8.01
C ALA B 72 11.44 -19.13 7.77
N VAL B 73 11.05 -18.36 8.79
CA VAL B 73 10.01 -17.34 8.56
C VAL B 73 10.52 -16.23 7.65
N GLU B 74 11.75 -15.77 7.88
CA GLU B 74 12.36 -14.77 7.00
C GLU B 74 12.49 -15.28 5.56
N GLU B 75 13.00 -16.51 5.38
CA GLU B 75 13.19 -16.98 4.00
C GLU B 75 11.85 -17.22 3.30
N LEU B 76 10.84 -17.68 4.03
CA LEU B 76 9.51 -17.85 3.46
C LEU B 76 8.87 -16.51 3.10
N SER B 77 8.98 -15.52 4.00
CA SER B 77 8.42 -14.19 3.76
C SER B 77 9.20 -13.38 2.73
N LYS B 78 10.35 -13.86 2.25
CA LYS B 78 11.01 -13.18 1.14
C LYS B 78 10.16 -13.25 -0.11
N VAL B 79 9.29 -14.26 -0.21
CA VAL B 79 8.47 -14.45 -1.40
C VAL B 79 6.98 -14.45 -1.08
N CYS B 80 6.58 -14.73 0.17
CA CYS B 80 5.16 -14.79 0.53
C CYS B 80 4.98 -14.42 2.01
N GLY B 81 4.36 -13.26 2.30
CA GLY B 81 4.11 -12.88 3.69
C GLY B 81 3.00 -13.70 4.33
N THR B 82 2.06 -14.21 3.52
CA THR B 82 0.99 -15.09 4.03
C THR B 82 1.56 -16.42 4.55
N THR B 83 2.41 -17.08 3.74
CA THR B 83 3.03 -18.33 4.19
C THR B 83 3.89 -18.08 5.43
N GLY B 84 4.63 -16.97 5.42
CA GLY B 84 5.56 -16.69 6.49
C GLY B 84 4.89 -16.47 7.83
N VAL B 85 3.74 -15.78 7.85
CA VAL B 85 3.06 -15.52 9.11
C VAL B 85 2.31 -16.75 9.59
N ILE B 86 1.91 -17.67 8.68
CA ILE B 86 1.18 -18.88 9.07
C ILE B 86 2.07 -19.78 9.94
N VAL B 87 3.31 -19.99 9.51
CA VAL B 87 4.29 -20.68 10.34
C VAL B 87 4.59 -19.88 11.61
N SER B 88 4.77 -18.56 11.47
CA SER B 88 5.11 -17.72 12.62
C SER B 88 4.00 -17.72 13.68
N ALA B 89 2.73 -17.74 13.24
CA ALA B 89 1.63 -17.72 14.20
C ALA B 89 1.47 -19.08 14.86
N HIS B 90 1.32 -20.14 14.05
CA HIS B 90 1.14 -21.48 14.58
C HIS B 90 2.29 -21.84 15.52
N THR B 91 3.52 -21.45 15.18
CA THR B 91 4.66 -21.85 15.98
C THR B 91 4.77 -21.08 17.30
N SER B 92 4.89 -19.74 17.24
CA SER B 92 5.15 -19.00 18.46
C SER B 92 3.88 -18.65 19.24
N LEU B 93 2.70 -18.72 18.62
CA LEU B 93 1.50 -18.36 19.34
C LEU B 93 0.59 -19.52 19.74
N CYS B 94 0.75 -20.70 19.15
CA CYS B 94 0.04 -21.86 19.68
C CYS B 94 0.98 -22.93 20.23
N ALA B 95 1.97 -23.35 19.44
CA ALA B 95 2.84 -24.44 19.89
C ALA B 95 3.72 -23.99 21.05
N ALA B 96 4.19 -22.74 21.01
CA ALA B 96 5.12 -22.28 22.04
C ALA B 96 4.45 -22.16 23.41
N PRO B 97 3.28 -21.51 23.55
CA PRO B 97 2.70 -21.40 24.90
C PRO B 97 2.35 -22.75 25.51
N ILE B 98 2.02 -23.77 24.70
CA ILE B 98 1.80 -25.12 25.22
C ILE B 98 3.11 -25.76 25.65
N TYR B 99 4.18 -25.55 24.90
CA TYR B 99 5.46 -26.15 25.25
C TYR B 99 6.07 -25.53 26.51
N GLU B 100 5.85 -24.23 26.75
CA GLU B 100 6.48 -23.55 27.87
C GLU B 100 5.63 -23.56 29.13
N ASN B 101 4.31 -23.75 29.02
CA ASN B 101 3.44 -23.67 30.18
C ASN B 101 2.60 -24.93 30.35
N GLY B 102 2.89 -26.00 29.62
CA GLY B 102 2.04 -27.16 29.60
C GLY B 102 2.50 -28.24 30.55
N THR B 103 1.54 -29.06 30.98
CA THR B 103 1.85 -30.27 31.72
C THR B 103 2.31 -31.36 30.77
N PRO B 104 3.01 -32.38 31.29
CA PRO B 104 3.44 -33.48 30.40
C PRO B 104 2.29 -34.13 29.65
N GLU B 105 1.06 -34.07 30.18
CA GLU B 105 -0.07 -34.61 29.44
C GLU B 105 -0.47 -33.68 28.29
N GLN B 106 -0.42 -32.38 28.53
CA GLN B 106 -0.80 -31.42 27.49
C GLN B 106 0.21 -31.44 26.36
N LYS B 107 1.51 -31.46 26.70
CA LYS B 107 2.51 -31.50 25.64
C LYS B 107 2.33 -32.76 24.81
N GLU B 108 2.21 -33.92 25.47
CA GLU B 108 2.19 -35.19 24.75
C GLU B 108 1.01 -35.24 23.77
N LYS B 109 -0.13 -34.69 24.16
CA LYS B 109 -1.31 -34.77 23.32
C LYS B 109 -1.21 -33.84 22.12
N TYR B 110 -0.88 -32.57 22.37
CA TYR B 110 -0.96 -31.54 21.33
C TYR B 110 0.35 -31.33 20.58
N LEU B 111 1.49 -31.32 21.28
CA LEU B 111 2.70 -30.81 20.64
C LEU B 111 3.16 -31.68 19.47
N PRO B 112 3.24 -33.02 19.60
CA PRO B 112 3.60 -33.84 18.43
C PRO B 112 2.60 -33.72 17.27
N LYS B 113 1.38 -33.22 17.53
CA LYS B 113 0.46 -32.96 16.44
C LYS B 113 0.59 -31.53 15.89
N LEU B 114 1.12 -30.61 16.68
CA LEU B 114 1.40 -29.29 16.12
C LEU B 114 2.69 -29.30 15.30
N CYS B 115 3.73 -29.99 15.79
CA CYS B 115 4.98 -30.03 15.05
C CYS B 115 4.82 -30.80 13.74
N SER B 116 3.86 -31.74 13.66
CA SER B 116 3.74 -32.55 12.46
C SER B 116 3.00 -31.84 11.35
N GLY B 117 2.00 -31.03 11.68
CA GLY B 117 1.24 -30.29 10.69
C GLY B 117 -0.19 -30.75 10.51
N GLU B 118 -0.58 -31.90 11.07
CA GLU B 118 -1.97 -32.33 10.99
C GLU B 118 -2.88 -31.37 11.75
N TRP B 119 -2.32 -30.66 12.74
CA TRP B 119 -3.06 -29.68 13.50
C TRP B 119 -2.38 -28.33 13.35
N LEU B 120 -3.15 -27.32 12.93
CA LEU B 120 -2.66 -25.96 12.85
C LEU B 120 -3.09 -25.21 14.10
N GLY B 121 -2.30 -24.20 14.45
CA GLY B 121 -2.52 -23.46 15.68
C GLY B 121 -2.90 -22.01 15.45
N ALA B 122 -3.49 -21.40 16.48
CA ALA B 122 -3.88 -20.00 16.43
C ALA B 122 -3.88 -19.45 17.85
N PHE B 123 -3.99 -18.13 17.95
CA PHE B 123 -4.04 -17.44 19.24
C PHE B 123 -5.27 -16.54 19.24
N GLY B 124 -6.06 -16.59 20.32
CA GLY B 124 -7.01 -15.51 20.54
C GLY B 124 -6.68 -14.72 21.80
N LEU B 125 -6.39 -13.44 21.65
CA LEU B 125 -6.22 -12.56 22.84
C LEU B 125 -6.86 -11.21 22.57
N THR B 126 -7.04 -10.87 21.30
CA THR B 126 -7.58 -9.54 20.97
C THR B 126 -9.10 -9.55 20.99
N GLU B 127 -9.69 -8.52 21.58
CA GLU B 127 -11.16 -8.33 21.56
C GLU B 127 -11.44 -6.99 20.90
N PRO B 128 -12.64 -6.78 20.36
CA PRO B 128 -12.96 -5.54 19.66
C PRO B 128 -12.76 -4.23 20.43
N GLY B 129 -13.27 -4.15 21.65
CA GLY B 129 -13.16 -2.92 22.45
C GLY B 129 -11.83 -2.81 23.15
N ALA B 130 -11.14 -3.93 23.31
CA ALA B 130 -9.86 -3.83 24.04
C ALA B 130 -8.89 -4.96 23.69
N GLY B 131 -8.41 -5.03 22.46
CA GLY B 131 -7.38 -6.05 22.19
C GLY B 131 -6.10 -5.52 22.81
N THR B 132 -5.93 -4.20 22.64
CA THR B 132 -4.83 -3.40 23.23
C THR B 132 -5.37 -2.85 24.56
N ASP B 133 -5.48 -3.75 25.53
CA ASP B 133 -5.88 -3.54 26.95
C ASP B 133 -5.79 -4.89 27.66
N ALA B 134 -5.78 -4.87 28.99
CA ALA B 134 -5.71 -6.13 29.75
C ALA B 134 -6.99 -6.27 30.58
N GLN B 135 -7.66 -5.15 30.82
CA GLN B 135 -8.88 -5.18 31.65
C GLN B 135 -10.09 -5.14 30.73
N GLY B 136 -9.94 -4.53 29.58
CA GLY B 136 -11.12 -4.41 28.71
C GLY B 136 -11.45 -5.71 28.01
N GLN B 137 -10.86 -6.83 28.39
CA GLN B 137 -11.25 -8.04 27.64
C GLN B 137 -12.42 -8.68 28.39
N GLN B 138 -13.41 -9.18 27.67
CA GLN B 138 -14.66 -9.64 28.31
C GLN B 138 -14.92 -11.13 28.14
N THR B 139 -14.25 -11.85 27.23
CA THR B 139 -14.49 -13.28 27.11
C THR B 139 -14.24 -13.93 28.47
N THR B 140 -15.30 -14.53 29.06
CA THR B 140 -15.27 -15.06 30.42
C THR B 140 -15.09 -16.56 30.41
N ALA B 141 -14.66 -17.10 31.54
CA ALA B 141 -14.60 -18.54 31.75
C ALA B 141 -15.13 -18.82 33.15
N VAL B 142 -16.17 -19.65 33.23
CA VAL B 142 -16.84 -19.93 34.49
C VAL B 142 -16.71 -21.42 34.77
N GLU B 143 -16.53 -21.75 36.03
CA GLU B 143 -16.47 -23.15 36.44
C GLU B 143 -17.85 -23.78 36.36
N ASP B 144 -17.91 -25.02 35.86
CA ASP B 144 -19.16 -25.78 35.87
C ASP B 144 -18.79 -27.26 35.89
N GLY B 145 -18.89 -27.87 37.06
CA GLY B 145 -18.57 -29.27 37.22
C GLY B 145 -17.10 -29.53 37.05
N ASP B 146 -16.79 -30.41 36.09
CA ASP B 146 -15.43 -30.70 35.69
C ASP B 146 -15.08 -30.06 34.35
N TYR B 147 -15.91 -29.14 33.83
CA TYR B 147 -15.65 -28.48 32.56
C TYR B 147 -15.60 -26.96 32.78
N TRP B 148 -15.15 -26.25 31.73
CA TRP B 148 -15.11 -24.79 31.66
C TRP B 148 -16.12 -24.29 30.65
N VAL B 149 -16.79 -23.20 30.97
CA VAL B 149 -17.77 -22.60 30.05
C VAL B 149 -17.22 -21.26 29.61
N LEU B 150 -17.01 -21.10 28.31
CA LEU B 150 -16.44 -19.89 27.74
C LEU B 150 -17.49 -19.12 26.93
N ASN B 151 -17.52 -17.81 27.11
CA ASN B 151 -18.41 -16.95 26.34
C ASN B 151 -17.69 -15.65 25.98
N GLY B 152 -17.71 -15.31 24.70
CA GLY B 152 -17.06 -14.09 24.24
C GLY B 152 -16.66 -14.16 22.78
N SER B 153 -15.75 -13.27 22.41
CA SER B 153 -15.35 -13.13 21.03
C SER B 153 -13.87 -12.75 20.95
N LYS B 154 -13.23 -13.15 19.86
CA LYS B 154 -11.86 -12.78 19.56
C LYS B 154 -11.80 -12.32 18.12
N ILE B 155 -10.96 -11.31 17.86
CA ILE B 155 -10.90 -10.65 16.56
C ILE B 155 -9.45 -10.67 16.09
N PHE B 156 -9.28 -10.70 14.76
CA PHE B 156 -7.98 -10.69 14.08
C PHE B 156 -7.15 -11.94 14.44
N ILE B 157 -7.78 -13.10 14.27
CA ILE B 157 -7.18 -14.39 14.63
C ILE B 157 -6.52 -14.95 13.38
N THR B 158 -5.21 -15.15 13.44
CA THR B 158 -4.48 -15.72 12.31
C THR B 158 -4.72 -17.23 12.26
N ASN B 159 -4.82 -17.75 11.02
CA ASN B 159 -5.09 -19.16 10.75
C ASN B 159 -6.47 -19.62 11.23
N ALA B 160 -7.34 -18.67 11.63
CA ALA B 160 -8.58 -19.06 12.29
C ALA B 160 -9.41 -20.00 11.43
N GLY B 161 -9.55 -19.68 10.16
CA GLY B 161 -10.44 -20.46 9.32
C GLY B 161 -9.92 -21.84 8.98
N TYR B 162 -8.65 -22.12 9.31
CA TYR B 162 -8.04 -23.39 8.96
C TYR B 162 -7.24 -23.97 10.12
N ALA B 163 -7.47 -23.53 11.35
CA ALA B 163 -6.68 -24.03 12.48
C ALA B 163 -7.49 -25.05 13.28
N ASP B 164 -6.78 -25.97 13.93
CA ASP B 164 -7.43 -27.03 14.69
C ASP B 164 -7.48 -26.79 16.19
N VAL B 165 -6.49 -26.14 16.76
CA VAL B 165 -6.41 -25.92 18.20
C VAL B 165 -6.07 -24.45 18.44
N PHE B 166 -6.68 -23.84 19.45
CA PHE B 166 -6.58 -22.40 19.70
C PHE B 166 -6.18 -22.16 21.15
N ILE B 167 -5.35 -21.14 21.37
CA ILE B 167 -5.00 -20.70 22.72
C ILE B 167 -5.88 -19.49 23.02
N VAL B 168 -6.79 -19.62 23.97
CA VAL B 168 -7.78 -18.58 24.22
C VAL B 168 -7.56 -18.01 25.62
N ILE B 169 -7.59 -16.67 25.72
CA ILE B 169 -7.36 -15.95 26.98
C ILE B 169 -8.69 -15.38 27.45
N ALA B 170 -9.21 -15.93 28.55
CA ALA B 170 -10.50 -15.52 29.09
C ALA B 170 -10.33 -15.04 30.53
N VAL B 171 -11.25 -14.19 30.96
CA VAL B 171 -11.26 -13.69 32.33
C VAL B 171 -11.95 -14.71 33.22
N THR B 172 -11.24 -15.18 34.25
CA THR B 172 -11.73 -16.21 35.16
C THR B 172 -12.02 -15.66 36.55
N ASP B 173 -11.01 -15.02 37.13
CA ASP B 173 -11.15 -14.51 38.52
C ASP B 173 -11.53 -13.02 38.54
N LYS B 174 -12.52 -12.66 39.36
CA LYS B 174 -12.87 -11.22 39.54
C LYS B 174 -12.34 -10.89 40.93
N VAL B 175 -11.21 -10.23 41.02
CA VAL B 175 -10.47 -10.01 42.25
C VAL B 175 -10.37 -8.51 42.52
N LEU B 176 -9.91 -8.19 43.72
CA LEU B 176 -9.66 -6.82 44.15
C LEU B 176 -8.16 -6.62 44.30
N ASP B 177 -7.69 -5.39 44.04
CA ASP B 177 -6.26 -5.08 44.00
C ASP B 177 -5.82 -4.41 45.31
N LYS B 178 -4.56 -3.99 45.34
CA LYS B 178 -4.03 -3.28 46.51
C LYS B 178 -4.78 -1.97 46.73
N LYS B 179 -4.95 -1.19 45.66
CA LYS B 179 -5.63 0.10 45.77
C LYS B 179 -7.14 -0.01 45.96
N GLY B 180 -7.69 -1.22 46.03
CA GLY B 180 -9.12 -1.37 46.25
C GLY B 180 -9.98 -1.37 45.00
N ARG B 181 -9.35 -1.30 43.76
CA ARG B 181 -10.12 -1.33 42.52
C ARG B 181 -10.35 -2.76 42.05
N PRO B 182 -11.48 -3.06 41.41
CA PRO B 182 -11.70 -4.43 40.90
C PRO B 182 -10.86 -4.66 39.65
N THR B 183 -10.02 -5.70 39.69
CA THR B 183 -9.17 -6.03 38.55
C THR B 183 -9.53 -7.43 38.03
N LYS B 184 -9.50 -7.59 36.70
CA LYS B 184 -9.95 -8.81 36.04
C LYS B 184 -8.74 -9.69 35.80
N LEU B 185 -8.77 -10.92 36.32
CA LEU B 185 -7.70 -11.89 36.13
C LEU B 185 -8.06 -12.89 35.03
N CYS B 186 -7.15 -13.07 34.07
CA CYS B 186 -7.38 -13.93 32.91
C CYS B 186 -6.66 -15.27 33.06
N SER B 187 -7.18 -16.27 32.37
CA SER B 187 -6.52 -17.56 32.30
C SER B 187 -6.49 -18.04 30.85
N ALA B 188 -5.52 -18.92 30.56
CA ALA B 188 -5.31 -19.44 29.22
C ALA B 188 -5.89 -20.84 29.06
N PHE B 189 -6.45 -21.12 27.88
CA PHE B 189 -7.21 -22.31 27.64
C PHE B 189 -6.86 -22.88 26.27
N ILE B 190 -6.81 -24.20 26.18
CA ILE B 190 -6.59 -24.89 24.92
C ILE B 190 -7.96 -25.23 24.33
N VAL B 191 -8.35 -24.51 23.27
CA VAL B 191 -9.67 -24.70 22.68
C VAL B 191 -9.48 -25.37 21.33
N GLU B 192 -10.22 -26.46 21.10
CA GLU B 192 -10.19 -27.19 19.84
C GLU B 192 -11.35 -26.78 18.95
N ARG B 193 -11.13 -26.90 17.62
CA ARG B 193 -12.15 -26.47 16.66
C ARG B 193 -13.38 -27.37 16.68
N THR B 194 -13.23 -28.57 17.23
CA THR B 194 -14.31 -29.53 17.37
C THR B 194 -15.17 -29.28 18.60
N ASP B 195 -14.75 -28.36 19.47
CA ASP B 195 -15.47 -28.08 20.70
C ASP B 195 -16.89 -27.60 20.41
N PRO B 196 -17.84 -27.90 21.29
CA PRO B 196 -19.20 -27.35 21.14
C PRO B 196 -19.24 -25.89 21.52
N GLY B 197 -20.22 -25.17 20.97
CA GLY B 197 -20.35 -23.75 21.27
C GLY B 197 -19.19 -22.89 20.83
N PHE B 198 -18.43 -23.37 19.85
CA PHE B 198 -17.32 -22.61 19.30
C PHE B 198 -17.46 -22.57 17.78
N SER B 199 -17.16 -21.40 17.21
CA SER B 199 -17.32 -21.17 15.78
C SER B 199 -16.31 -20.12 15.32
N VAL B 200 -15.84 -20.28 14.08
CA VAL B 200 -14.90 -19.34 13.45
C VAL B 200 -15.66 -18.51 12.43
N GLY B 201 -15.42 -17.21 12.42
CA GLY B 201 -16.18 -16.32 11.56
C GLY B 201 -15.73 -16.38 10.11
N LYS B 202 -16.26 -15.45 9.32
CA LYS B 202 -15.90 -15.32 7.91
C LYS B 202 -14.52 -14.68 7.75
N ALA B 203 -13.72 -15.22 6.83
CA ALA B 203 -12.35 -14.74 6.62
C ALA B 203 -12.33 -13.26 6.24
N GLU B 204 -11.48 -12.48 6.93
CA GLU B 204 -11.50 -11.03 6.78
C GLU B 204 -10.88 -10.58 5.46
N ASP B 205 -11.41 -9.48 4.94
CA ASP B 205 -10.90 -8.89 3.71
C ASP B 205 -9.87 -7.83 4.10
N LYS B 206 -8.59 -8.22 4.06
CA LYS B 206 -7.49 -7.37 4.48
C LYS B 206 -6.71 -6.82 3.27
N MET B 207 -5.93 -5.77 3.53
CA MET B 207 -5.20 -5.09 2.46
C MET B 207 -4.11 -6.00 1.88
N GLY B 208 -3.36 -6.65 2.76
CA GLY B 208 -2.30 -7.59 2.42
C GLY B 208 -2.43 -8.88 3.22
N ILE B 209 -1.34 -9.67 3.20
CA ILE B 209 -1.27 -11.06 3.69
C ILE B 209 -2.61 -11.73 3.43
N ARG B 210 -3.16 -11.52 2.24
CA ARG B 210 -4.56 -11.85 2.02
C ARG B 210 -4.83 -13.35 2.10
N GLY B 211 -3.88 -14.19 1.69
CA GLY B 211 -4.05 -15.62 1.85
C GLY B 211 -4.23 -16.05 3.29
N SER B 212 -3.82 -15.22 4.23
CA SER B 212 -3.92 -15.58 5.64
C SER B 212 -5.38 -15.59 6.03
N SER B 213 -5.83 -16.66 6.67
CA SER B 213 -7.24 -16.81 7.04
C SER B 213 -7.45 -16.05 8.34
N THR B 214 -8.06 -14.86 8.26
CA THR B 214 -8.24 -14.00 9.41
C THR B 214 -9.73 -13.92 9.69
N CYS B 215 -10.14 -14.55 10.79
CA CYS B 215 -11.55 -14.67 11.13
C CYS B 215 -11.73 -14.32 12.60
N GLU B 216 -13.00 -14.21 13.02
CA GLU B 216 -13.41 -14.07 14.41
C GLU B 216 -13.58 -15.45 15.06
N LEU B 217 -13.43 -15.48 16.39
CA LEU B 217 -13.72 -16.66 17.19
C LEU B 217 -14.92 -16.35 18.06
N ILE B 218 -15.95 -17.20 18.00
CA ILE B 218 -17.18 -16.96 18.75
C ILE B 218 -17.32 -18.06 19.78
N PHE B 219 -17.54 -17.66 21.03
CA PHE B 219 -17.74 -18.61 22.11
C PHE B 219 -19.15 -18.38 22.64
N GLU B 220 -20.02 -19.35 22.40
CA GLU B 220 -21.40 -19.33 22.89
C GLU B 220 -21.61 -20.55 23.76
N ASP B 221 -21.40 -20.39 25.07
CA ASP B 221 -21.47 -21.50 26.02
C ASP B 221 -20.54 -22.63 25.60
N CYS B 222 -19.34 -22.27 25.17
CA CYS B 222 -18.33 -23.24 24.78
C CYS B 222 -17.86 -24.00 26.02
N ARG B 223 -18.28 -25.26 26.12
CA ARG B 223 -17.99 -26.13 27.26
C ARG B 223 -16.76 -26.98 26.95
N ILE B 224 -15.66 -26.71 27.65
CA ILE B 224 -14.40 -27.44 27.45
C ILE B 224 -14.01 -28.13 28.74
N PRO B 225 -13.26 -29.25 28.69
CA PRO B 225 -12.83 -29.95 29.91
C PRO B 225 -12.01 -29.08 30.85
N LYS B 226 -11.85 -29.57 32.08
CA LYS B 226 -11.15 -28.78 33.09
C LYS B 226 -9.65 -28.70 32.83
N ASP B 227 -9.06 -29.77 32.26
CA ASP B 227 -7.62 -29.83 32.07
C ASP B 227 -7.15 -28.98 30.91
N ARG B 228 -8.07 -28.37 30.17
CA ARG B 228 -7.67 -27.55 29.04
C ARG B 228 -7.15 -26.18 29.47
N MET B 229 -7.11 -25.88 30.77
CA MET B 229 -6.50 -24.63 31.23
C MET B 229 -4.98 -24.75 31.15
N LEU B 230 -4.36 -23.82 30.46
CA LEU B 230 -2.92 -23.83 30.28
C LEU B 230 -2.25 -22.92 31.33
N GLY B 231 -1.32 -23.48 32.09
CA GLY B 231 -0.62 -22.69 33.09
C GLY B 231 -1.37 -22.53 34.41
N VAL B 232 -1.09 -21.41 35.06
CA VAL B 232 -1.65 -21.12 36.38
C VAL B 232 -2.93 -20.33 36.20
N ARG B 233 -3.77 -20.35 37.24
CA ARG B 233 -5.01 -19.60 37.19
C ARG B 233 -4.71 -18.13 37.45
N GLY B 234 -5.44 -17.27 36.74
CA GLY B 234 -5.27 -15.83 36.84
C GLY B 234 -3.99 -15.30 36.22
N LYS B 235 -3.07 -16.18 35.81
CA LYS B 235 -1.83 -15.78 35.17
C LYS B 235 -1.90 -15.95 33.66
N GLY B 236 -3.11 -16.10 33.11
CA GLY B 236 -3.22 -16.34 31.68
C GLY B 236 -2.83 -15.13 30.86
N PHE B 237 -3.01 -13.93 31.42
CA PHE B 237 -2.61 -12.72 30.70
C PHE B 237 -1.08 -12.59 30.63
N GLN B 238 -0.38 -12.91 31.73
CA GLN B 238 1.08 -12.91 31.68
C GLN B 238 1.56 -13.92 30.65
N LEU B 239 0.84 -15.04 30.53
CA LEU B 239 1.14 -16.05 29.51
C LEU B 239 0.93 -15.47 28.12
N ALA B 240 -0.10 -14.62 27.96
CA ALA B 240 -0.39 -14.06 26.65
C ALA B 240 0.70 -13.11 26.24
N MET B 241 1.36 -12.46 27.21
CA MET B 241 2.36 -11.46 26.86
C MET B 241 3.72 -12.08 26.61
N ALA B 242 4.07 -13.11 27.39
CA ALA B 242 5.27 -13.88 27.08
C ALA B 242 5.11 -14.61 25.76
N THR B 243 3.91 -15.06 25.44
CA THR B 243 3.71 -15.66 24.12
C THR B 243 3.87 -14.61 23.02
N LEU B 244 3.34 -13.41 23.23
CA LEU B 244 3.49 -12.36 22.23
C LEU B 244 4.96 -11.98 22.05
N ASP B 245 5.77 -12.12 23.11
CA ASP B 245 7.19 -11.76 23.02
C ASP B 245 7.89 -12.59 21.97
N GLY B 246 7.66 -13.91 21.99
CA GLY B 246 8.20 -14.78 20.95
C GLY B 246 7.52 -14.61 19.60
N GLY B 247 6.21 -14.33 19.62
CA GLY B 247 5.50 -14.08 18.37
C GLY B 247 5.95 -12.80 17.70
N ARG B 248 6.51 -11.87 18.47
CA ARG B 248 7.01 -10.64 17.86
C ARG B 248 8.32 -10.84 17.12
N ILE B 249 9.10 -11.85 17.49
CA ILE B 249 10.31 -12.15 16.75
C ILE B 249 9.94 -12.70 15.37
N GLY B 250 8.88 -13.52 15.30
CA GLY B 250 8.44 -14.10 14.04
C GLY B 250 7.91 -13.06 13.04
N ILE B 251 7.26 -12.03 13.56
CA ILE B 251 6.80 -10.94 12.71
C ILE B 251 7.99 -10.07 12.31
N ALA B 252 8.94 -9.86 13.23
CA ALA B 252 10.17 -9.13 12.88
C ALA B 252 10.96 -9.82 11.78
N SER B 253 10.98 -11.15 11.76
CA SER B 253 11.65 -11.83 10.66
C SER B 253 10.79 -11.79 9.40
N GLN B 254 9.47 -11.79 9.56
CA GLN B 254 8.62 -11.73 8.38
C GLN B 254 8.83 -10.41 7.66
N ALA B 255 8.83 -9.30 8.42
CA ALA B 255 9.10 -7.97 7.87
C ALA B 255 10.50 -7.87 7.29
N LEU B 256 11.47 -8.48 7.97
CA LEU B 256 12.82 -8.52 7.43
C LEU B 256 12.85 -9.30 6.12
N GLY B 257 12.06 -10.37 6.05
CA GLY B 257 12.02 -11.13 4.80
C GLY B 257 11.34 -10.37 3.69
N ILE B 258 10.23 -9.67 4.00
CA ILE B 258 9.54 -8.89 2.98
C ILE B 258 10.48 -7.82 2.44
N ALA B 259 11.21 -7.14 3.32
CA ALA B 259 12.12 -6.08 2.86
C ALA B 259 13.31 -6.65 2.08
N GLU B 260 13.75 -7.88 2.43
CA GLU B 260 14.89 -8.52 1.77
C GLU B 260 14.54 -8.98 0.37
N GLY B 261 13.38 -9.65 0.21
CA GLY B 261 12.96 -10.03 -1.12
C GLY B 261 12.67 -8.84 -2.00
N ALA B 262 12.20 -7.74 -1.40
CA ALA B 262 11.97 -6.53 -2.20
C ALA B 262 13.28 -6.01 -2.76
N LEU B 263 14.34 -6.06 -1.95
CA LEU B 263 15.60 -5.57 -2.47
C LEU B 263 16.15 -6.50 -3.56
N GLN B 264 15.96 -7.82 -3.42
CA GLN B 264 16.36 -8.72 -4.50
C GLN B 264 15.66 -8.38 -5.82
N GLU B 265 14.33 -8.36 -5.80
CA GLU B 265 13.55 -8.08 -7.01
C GLU B 265 13.88 -6.72 -7.59
N THR B 266 14.21 -5.76 -6.74
CA THR B 266 14.57 -4.44 -7.24
C THR B 266 15.97 -4.42 -7.84
N VAL B 267 16.93 -5.09 -7.21
CA VAL B 267 18.29 -5.21 -7.77
C VAL B 267 18.23 -5.93 -9.10
N ALA B 268 17.38 -6.95 -9.19
CA ALA B 268 17.26 -7.68 -10.44
C ALA B 268 16.61 -6.84 -11.52
N TYR B 269 15.73 -5.93 -11.13
CA TYR B 269 15.02 -5.14 -12.14
C TYR B 269 15.90 -4.03 -12.69
N VAL B 270 16.56 -3.26 -11.81
CA VAL B 270 17.33 -2.12 -12.27
C VAL B 270 18.48 -2.54 -13.18
N LYS B 271 18.88 -3.81 -13.12
CA LYS B 271 19.98 -4.30 -13.94
C LYS B 271 19.56 -4.56 -15.37
N GLU B 272 18.35 -5.07 -15.58
CA GLU B 272 17.95 -5.43 -16.93
C GLU B 272 17.22 -4.31 -17.64
N ARG B 273 16.43 -3.53 -16.91
CA ARG B 273 15.62 -2.49 -17.55
C ARG B 273 16.45 -1.24 -17.77
N LYS B 274 16.29 -0.65 -18.96
CA LYS B 274 17.04 0.51 -19.39
C LYS B 274 16.17 1.77 -19.38
N GLN B 275 16.76 2.90 -18.99
CA GLN B 275 16.15 4.23 -19.14
C GLN B 275 17.24 5.23 -19.50
N PHE B 276 16.92 6.17 -20.40
CA PHE B 276 17.86 7.18 -20.88
C PHE B 276 19.06 6.54 -21.57
N GLY B 277 18.90 5.31 -22.07
CA GLY B 277 19.93 4.65 -22.81
C GLY B 277 20.86 3.78 -21.98
N ARG B 278 20.78 3.87 -20.65
CA ARG B 278 21.60 3.09 -19.73
C ARG B 278 20.71 2.26 -18.81
N SER B 279 21.32 1.29 -18.13
CA SER B 279 20.60 0.55 -17.11
C SER B 279 20.21 1.46 -15.95
N ILE B 280 19.05 1.15 -15.34
CA ILE B 280 18.57 1.98 -14.22
C ILE B 280 19.60 2.00 -13.11
N SER B 281 20.32 0.89 -12.93
CA SER B 281 21.37 0.81 -11.94
C SER B 281 22.58 1.70 -12.26
N ALA B 282 22.58 2.39 -13.40
CA ALA B 282 23.73 3.20 -13.74
C ALA B 282 23.62 4.64 -13.24
N PHE B 283 22.44 5.09 -12.80
CA PHE B 283 22.26 6.42 -12.23
C PHE B 283 22.57 6.50 -10.73
N GLN B 284 23.10 7.65 -10.32
CA GLN B 284 23.62 7.72 -8.96
C GLN B 284 22.52 7.54 -7.93
N ASN B 285 21.32 7.99 -8.24
CA ASN B 285 20.24 7.89 -7.28
C ASN B 285 19.83 6.44 -7.04
N THR B 286 19.70 5.66 -8.11
CA THR B 286 19.39 4.25 -7.95
C THR B 286 20.45 3.57 -7.11
N GLN B 287 21.69 4.01 -7.23
CA GLN B 287 22.77 3.41 -6.46
C GLN B 287 22.72 3.81 -4.99
N PHE B 288 22.39 5.06 -4.68
CA PHE B 288 22.29 5.45 -3.28
C PHE B 288 21.02 4.90 -2.63
N GLU B 289 19.92 4.83 -3.38
CA GLU B 289 18.69 4.30 -2.78
C GLU B 289 18.89 2.87 -2.33
N LEU B 290 19.43 2.03 -3.23
CA LEU B 290 19.64 0.63 -2.91
C LEU B 290 20.68 0.47 -1.83
N ALA B 291 21.75 1.26 -1.88
CA ALA B 291 22.82 1.03 -0.91
C ALA B 291 22.32 1.32 0.49
N GLU B 292 21.68 2.46 0.69
CA GLU B 292 21.22 2.81 2.03
C GLU B 292 20.19 1.80 2.52
N MET B 293 19.33 1.31 1.63
CA MET B 293 18.32 0.35 2.06
C MET B 293 18.99 -0.93 2.51
N LYS B 294 20.00 -1.40 1.77
CA LYS B 294 20.66 -2.67 2.10
C LYS B 294 21.30 -2.59 3.48
N ALA B 295 21.87 -1.43 3.83
CA ALA B 295 22.47 -1.26 5.14
C ALA B 295 21.39 -1.30 6.23
N ARG B 296 20.26 -0.59 6.00
CA ARG B 296 19.16 -0.61 6.97
C ARG B 296 18.59 -2.01 7.13
N ILE B 297 18.55 -2.79 6.03
CA ILE B 297 18.08 -4.15 6.14
C ILE B 297 19.07 -5.00 6.92
N GLU B 298 20.37 -4.85 6.64
CA GLU B 298 21.34 -5.65 7.38
C GLU B 298 21.35 -5.29 8.86
N ALA B 299 21.11 -4.01 9.18
CA ALA B 299 21.01 -3.63 10.58
C ALA B 299 19.78 -4.26 11.21
N ALA B 300 18.67 -4.27 10.47
CA ALA B 300 17.47 -4.91 10.97
C ALA B 300 17.67 -6.41 11.13
N LYS B 301 18.49 -7.02 10.26
CA LYS B 301 18.70 -8.47 10.34
C LYS B 301 19.37 -8.87 11.65
N TYR B 302 20.38 -8.10 12.08
CA TYR B 302 21.07 -8.37 13.34
C TYR B 302 20.15 -8.20 14.53
N LEU B 303 19.22 -7.25 14.46
CA LEU B 303 18.27 -7.10 15.55
C LEU B 303 17.35 -8.31 15.61
N VAL B 304 16.93 -8.85 14.47
CA VAL B 304 16.03 -10.01 14.51
C VAL B 304 16.76 -11.20 15.11
N TYR B 305 18.00 -11.40 14.67
CA TYR B 305 18.81 -12.52 15.13
C TYR B 305 19.16 -12.37 16.61
N ALA B 306 19.51 -11.16 17.03
CA ALA B 306 19.82 -10.95 18.45
C ALA B 306 18.62 -11.27 19.32
N ALA B 307 17.41 -10.95 18.84
CA ALA B 307 16.20 -11.32 19.55
C ALA B 307 16.00 -12.84 19.57
N ALA B 308 16.31 -13.52 18.46
CA ALA B 308 16.14 -14.97 18.42
C ALA B 308 17.10 -15.67 19.37
N LEU B 309 18.38 -15.24 19.39
CA LEU B 309 19.37 -15.86 20.26
C LEU B 309 19.10 -15.55 21.72
N LYS B 310 18.56 -14.38 22.03
CA LYS B 310 18.26 -14.08 23.43
C LYS B 310 17.11 -14.95 23.91
N LYS B 311 16.16 -15.26 23.04
CA LYS B 311 15.12 -16.20 23.43
C LYS B 311 15.70 -17.60 23.62
N GLN B 312 16.67 -17.96 22.76
CA GLN B 312 17.31 -19.27 22.88
C GLN B 312 17.99 -19.43 24.23
N GLU B 313 18.59 -18.36 24.75
CA GLU B 313 19.18 -18.39 26.08
C GLU B 313 18.12 -18.69 27.13
N ALA B 314 16.99 -17.99 27.06
CA ALA B 314 15.94 -18.19 28.05
C ALA B 314 15.37 -19.60 27.98
N MET B 315 15.41 -20.20 26.78
CA MET B 315 14.97 -21.58 26.61
C MET B 315 15.96 -22.56 27.21
N ASN B 316 17.26 -22.26 27.11
CA ASN B 316 18.29 -23.16 27.61
C ASN B 316 18.55 -23.01 29.10
N GLY B 317 17.65 -22.33 29.84
CA GLY B 317 17.81 -22.17 31.26
C GLY B 317 18.56 -20.94 31.70
N ALA B 318 19.34 -20.33 30.80
CA ALA B 318 20.01 -19.07 31.09
C ALA B 318 18.93 -18.02 31.35
N LYS B 319 18.86 -17.50 32.56
CA LYS B 319 17.68 -16.73 32.97
C LYS B 319 17.87 -15.27 32.57
N VAL B 320 17.51 -14.97 31.34
CA VAL B 320 17.51 -13.61 30.83
C VAL B 320 16.15 -13.34 30.20
N ARG B 321 15.77 -12.06 30.17
CA ARG B 321 14.53 -11.63 29.54
C ARG B 321 14.82 -11.09 28.14
N TYR B 322 13.94 -11.42 27.18
CA TYR B 322 14.09 -11.04 25.78
C TYR B 322 12.87 -10.28 25.24
N SER B 323 12.05 -9.71 26.12
CA SER B 323 10.96 -8.85 25.63
C SER B 323 11.50 -7.57 25.01
N VAL B 324 12.61 -7.02 25.51
CA VAL B 324 13.11 -5.80 24.89
C VAL B 324 13.72 -6.12 23.53
N GLU B 325 14.47 -7.21 23.42
CA GLU B 325 15.07 -7.54 22.14
C GLU B 325 14.00 -7.75 21.07
N ALA B 326 12.92 -8.48 21.44
CA ALA B 326 11.85 -8.72 20.48
C ALA B 326 11.17 -7.43 20.10
N ALA B 327 11.02 -6.55 21.10
CA ALA B 327 10.33 -5.29 20.87
C ALA B 327 11.12 -4.41 19.93
N GLN B 328 12.44 -4.30 20.13
CA GLN B 328 13.22 -3.49 19.22
C GLN B 328 13.23 -4.08 17.81
N ALA B 329 13.22 -5.40 17.69
CA ALA B 329 13.29 -6.05 16.38
C ALA B 329 12.04 -5.75 15.56
N LYS B 330 10.87 -5.89 16.19
CA LYS B 330 9.63 -5.65 15.48
C LYS B 330 9.51 -4.17 15.10
N LEU B 331 9.95 -3.27 15.99
CA LEU B 331 9.87 -1.85 15.66
C LEU B 331 10.68 -1.51 14.42
N ILE B 332 11.96 -1.89 14.40
CA ILE B 332 12.88 -1.50 13.34
C ILE B 332 12.65 -2.32 12.08
N ALA B 333 12.31 -3.61 12.22
CA ALA B 333 12.10 -4.44 11.04
C ALA B 333 10.82 -4.05 10.30
N ALA B 334 9.74 -3.81 11.04
CA ALA B 334 8.47 -3.46 10.42
C ALA B 334 8.54 -2.10 9.74
N ARG B 335 9.14 -1.10 10.40
CA ARG B 335 9.33 0.19 9.75
C ARG B 335 10.31 0.11 8.59
N THR B 336 11.27 -0.81 8.65
CA THR B 336 12.18 -0.98 7.52
C THR B 336 11.44 -1.57 6.32
N ALA B 337 10.47 -2.46 6.56
CA ALA B 337 9.79 -3.11 5.44
C ALA B 337 8.96 -2.10 4.66
N SER B 338 8.13 -1.33 5.38
CA SER B 338 7.26 -0.34 4.73
C SER B 338 8.10 0.74 4.07
N ASP B 339 9.26 1.04 4.66
CA ASP B 339 10.13 2.05 4.08
C ASP B 339 10.83 1.55 2.81
N VAL B 340 11.29 0.31 2.84
CA VAL B 340 12.03 -0.26 1.71
C VAL B 340 11.08 -0.56 0.56
N THR B 341 9.93 -1.19 0.86
CA THR B 341 9.03 -1.60 -0.22
C THR B 341 8.46 -0.39 -0.97
N ARG B 342 8.21 0.72 -0.26
CA ARG B 342 7.74 1.93 -0.91
C ARG B 342 8.82 2.46 -1.86
N ARG B 343 10.05 2.52 -1.37
CA ARG B 343 11.14 3.08 -2.15
C ARG B 343 11.61 2.11 -3.25
N CYS B 344 11.46 0.78 -3.04
CA CYS B 344 11.77 -0.14 -4.12
C CYS B 344 10.73 -0.03 -5.24
N LEU B 345 9.45 0.06 -4.88
CA LEU B 345 8.42 0.23 -5.89
C LEU B 345 8.67 1.51 -6.66
N GLN B 346 9.20 2.54 -5.98
CA GLN B 346 9.49 3.77 -6.69
C GLN B 346 10.49 3.55 -7.80
N LEU B 347 11.41 2.58 -7.65
CA LEU B 347 12.42 2.35 -8.68
C LEU B 347 11.85 1.64 -9.93
N PHE B 348 10.83 0.81 -9.76
CA PHE B 348 10.20 0.10 -10.88
C PHE B 348 9.44 1.04 -11.80
N GLY B 349 9.19 2.26 -11.36
CA GLY B 349 8.41 3.18 -12.15
C GLY B 349 6.94 2.82 -12.10
N GLY B 350 6.25 3.03 -13.22
CA GLY B 350 4.84 2.65 -13.30
C GLY B 350 4.64 1.15 -13.30
N TYR B 351 5.65 0.38 -13.71
CA TYR B 351 5.52 -1.06 -13.78
C TYR B 351 5.44 -1.73 -12.41
N GLY B 352 5.87 -1.05 -11.36
CA GLY B 352 5.69 -1.56 -10.01
C GLY B 352 4.30 -1.34 -9.42
N TYR B 353 3.48 -0.53 -10.08
CA TYR B 353 2.12 -0.21 -9.66
C TYR B 353 1.10 -1.22 -10.17
N THR B 354 1.51 -2.08 -11.10
CA THR B 354 0.68 -3.16 -11.60
C THR B 354 1.11 -4.48 -10.95
N ARG B 355 0.24 -5.49 -11.06
CA ARG B 355 0.52 -6.79 -10.45
C ARG B 355 1.59 -7.58 -11.17
N ASP B 356 2.16 -7.02 -12.25
CA ASP B 356 3.18 -7.76 -12.99
C ASP B 356 4.33 -8.15 -12.08
N TYR B 357 4.68 -7.28 -11.14
CA TYR B 357 5.78 -7.46 -10.21
C TYR B 357 5.22 -7.51 -8.81
N PRO B 358 5.89 -8.22 -7.90
CA PRO B 358 5.34 -8.44 -6.57
C PRO B 358 5.62 -7.33 -5.57
N ILE B 359 6.27 -6.24 -6.00
CA ILE B 359 6.62 -5.21 -5.01
C ILE B 359 5.35 -4.58 -4.44
N GLU B 360 4.32 -4.44 -5.26
CA GLU B 360 3.08 -3.82 -4.78
C GLU B 360 2.45 -4.70 -3.71
N ARG B 361 2.63 -6.03 -3.82
CA ARG B 361 2.18 -6.94 -2.77
C ARG B 361 3.06 -6.85 -1.52
N MET B 362 4.39 -6.67 -1.69
CA MET B 362 5.26 -6.50 -0.53
C MET B 362 4.91 -5.22 0.23
N MET B 363 4.63 -4.15 -0.51
CA MET B 363 4.28 -2.91 0.16
C MET B 363 2.99 -3.06 0.93
N ARG B 364 2.05 -3.84 0.40
CA ARG B 364 0.82 -4.04 1.15
C ARG B 364 1.08 -4.95 2.34
N ASP B 365 1.91 -5.98 2.15
CA ASP B 365 2.10 -6.92 3.24
C ASP B 365 2.90 -6.28 4.38
N ALA B 366 3.76 -5.30 4.07
CA ALA B 366 4.62 -4.73 5.10
C ALA B 366 3.84 -3.82 6.06
N LYS B 367 2.69 -3.29 5.66
CA LYS B 367 2.02 -2.33 6.52
C LYS B 367 1.43 -3.03 7.76
N ILE B 368 0.94 -4.28 7.60
CA ILE B 368 0.44 -4.98 8.78
C ILE B 368 1.55 -5.27 9.79
N THR B 369 2.79 -5.47 9.33
CA THR B 369 3.85 -5.83 10.26
C THR B 369 4.10 -4.75 11.30
N GLU B 370 3.83 -3.49 10.97
CA GLU B 370 3.89 -2.41 11.96
C GLU B 370 2.78 -2.49 12.97
N ILE B 371 1.75 -3.29 12.72
CA ILE B 371 0.53 -3.21 13.50
C ILE B 371 0.25 -4.49 14.28
N TYR B 372 0.29 -5.64 13.59
CA TYR B 372 -0.20 -6.86 14.26
C TYR B 372 0.83 -7.48 15.18
N GLU B 373 0.31 -8.33 16.06
CA GLU B 373 1.03 -8.82 17.23
C GLU B 373 1.61 -7.66 18.03
N GLY B 374 0.87 -6.56 18.07
CA GLY B 374 1.32 -5.38 18.77
C GLY B 374 1.88 -4.31 17.85
N THR B 375 1.33 -3.10 17.94
CA THR B 375 1.77 -2.02 17.06
C THR B 375 3.15 -1.55 17.51
N SER B 376 3.80 -0.74 16.64
CA SER B 376 5.10 -0.17 16.99
C SER B 376 5.02 0.69 18.24
N GLU B 377 3.86 1.28 18.51
CA GLU B 377 3.72 2.10 19.68
C GLU B 377 3.69 1.26 20.94
N VAL B 378 3.14 0.05 20.83
CA VAL B 378 3.21 -0.91 21.93
C VAL B 378 4.63 -1.43 22.10
N GLN B 379 5.37 -1.59 21.01
CA GLN B 379 6.78 -1.94 21.09
C GLN B 379 7.57 -0.83 21.77
N MET B 380 7.35 0.41 21.36
CA MET B 380 7.98 1.55 22.03
C MET B 380 7.56 1.62 23.50
N MET B 381 6.32 1.27 23.83
CA MET B 381 5.95 1.19 25.24
C MET B 381 6.83 0.19 25.99
N VAL B 382 7.02 -1.01 25.42
CA VAL B 382 7.83 -2.01 26.10
C VAL B 382 9.28 -1.56 26.21
N ILE B 383 9.80 -0.91 25.16
CA ILE B 383 11.20 -0.50 25.15
C ILE B 383 11.43 0.60 26.18
N SER B 384 10.63 1.67 26.12
CA SER B 384 10.86 2.79 27.02
C SER B 384 10.59 2.40 28.48
N GLY B 385 9.71 1.42 28.70
CA GLY B 385 9.39 1.07 30.07
C GLY B 385 10.62 0.53 30.78
N ALA B 386 11.34 -0.37 30.11
CA ALA B 386 12.57 -0.93 30.67
C ALA B 386 13.70 0.10 30.71
N LEU B 387 13.69 1.06 29.76
CA LEU B 387 14.72 2.08 29.73
C LEU B 387 14.52 3.09 30.84
N LEU B 388 13.28 3.57 31.03
CA LEU B 388 13.04 4.64 32.00
C LEU B 388 12.91 4.16 33.42
N LYS B 389 13.09 2.86 33.68
CA LYS B 389 12.95 2.33 35.04
C LYS B 389 14.19 2.70 35.87
#